data_6EXR
#
_entry.id   6EXR
#
_cell.length_a   109.140
_cell.length_b   124.370
_cell.length_c   73.420
_cell.angle_alpha   90.000
_cell.angle_beta   111.750
_cell.angle_gamma   90.000
#
_symmetry.space_group_name_H-M   'C 1 2 1'
#
_entity_poly.entity_id   1
_entity_poly.type   'polypeptide(L)'
_entity_poly.pdbx_seq_one_letter_code
;MARVLVVDDAAFMRMLLKKILTQAGHEVVGEASNGKEAVEKYKQLKPDLVTMDIVMPEMDGITAVKEIMKIDPNAKIIMI
TAVGQEAKVMEALKSGAKGYIVKPFQAQKVIEEVNRVLSS
;
_entity_poly.pdbx_strand_id   A,B,C,D,E,F
#
# COMPACT_ATOMS: atom_id res chain seq x y z
N ALA A 2 19.08 -10.68 14.44
CA ALA A 2 18.33 -11.00 15.68
C ALA A 2 17.08 -11.88 15.58
N ARG A 3 16.78 -12.56 16.68
CA ARG A 3 15.57 -13.38 16.82
C ARG A 3 14.42 -12.54 17.41
N VAL A 4 13.34 -12.40 16.64
CA VAL A 4 12.26 -11.43 16.93
C VAL A 4 10.91 -12.10 17.09
N LEU A 5 10.19 -11.70 18.13
CA LEU A 5 8.80 -12.08 18.37
C LEU A 5 7.95 -10.90 17.92
N VAL A 6 7.02 -11.13 17.00
CA VAL A 6 6.19 -10.07 16.42
C VAL A 6 4.77 -10.17 16.99
N VAL A 7 4.32 -9.08 17.61
CA VAL A 7 3.06 -9.06 18.28
C VAL A 7 2.16 -7.99 17.71
N ASP A 8 1.02 -8.40 17.16
CA ASP A 8 0.03 -7.48 16.59
C ASP A 8 -1.28 -8.27 16.40
N ASP A 9 -2.45 -7.67 16.69
CA ASP A 9 -3.74 -8.39 16.51
C ASP A 9 -4.11 -8.61 15.01
N ALA A 10 -3.55 -7.80 14.14
CA ALA A 10 -3.80 -7.93 12.69
C ALA A 10 -2.76 -8.80 12.02
N ALA A 11 -3.19 -9.95 11.52
CA ALA A 11 -2.33 -10.88 10.78
C ALA A 11 -1.51 -10.21 9.68
N PHE A 12 -2.17 -9.34 8.92
CA PHE A 12 -1.51 -8.72 7.79
C PHE A 12 -0.43 -7.76 8.30
N MET A 13 -0.62 -7.14 9.46
CA MET A 13 0.44 -6.26 10.03
C MET A 13 1.64 -7.04 10.54
N ARG A 14 1.41 -8.23 11.07
CA ARG A 14 2.51 -9.12 11.46
C ARG A 14 3.29 -9.52 10.22
N MET A 15 2.58 -9.81 9.14
CA MET A 15 3.23 -10.20 7.89
C MET A 15 4.04 -9.03 7.32
N LEU A 16 3.50 -7.82 7.30
CA LEU A 16 4.27 -6.65 6.81
C LEU A 16 5.52 -6.40 7.62
N LEU A 17 5.40 -6.47 8.95
CA LEU A 17 6.57 -6.23 9.81
C LEU A 17 7.57 -7.36 9.63
N LYS A 18 7.09 -8.59 9.57
CA LYS A 18 7.94 -9.76 9.30
C LYS A 18 8.76 -9.58 8.01
N LYS A 19 8.14 -9.14 6.94
CA LYS A 19 8.82 -8.89 5.67
C LYS A 19 9.95 -7.85 5.83
N ILE A 20 9.65 -6.74 6.46
CA ILE A 20 10.68 -5.71 6.72
C ILE A 20 11.84 -6.23 7.58
N LEU A 21 11.52 -6.98 8.61
CA LEU A 21 12.53 -7.51 9.52
C LEU A 21 13.43 -8.54 8.81
N THR A 22 12.82 -9.41 8.02
CA THR A 22 13.52 -10.44 7.25
C THR A 22 14.41 -9.80 6.18
N GLN A 23 13.91 -8.84 5.42
CA GLN A 23 14.76 -8.12 4.48
C GLN A 23 15.98 -7.47 5.15
N ALA A 24 15.84 -7.02 6.39
CA ALA A 24 16.97 -6.44 7.10
C ALA A 24 17.91 -7.47 7.76
N GLY A 25 17.61 -8.76 7.63
CA GLY A 25 18.49 -9.85 8.14
C GLY A 25 18.05 -10.56 9.42
N HIS A 26 16.92 -10.17 9.98
CA HIS A 26 16.45 -10.73 11.25
C HIS A 26 15.58 -11.94 11.00
N GLU A 27 15.42 -12.76 12.03
CA GLU A 27 14.63 -13.98 11.95
C GLU A 27 13.43 -13.82 12.86
N VAL A 28 12.22 -13.86 12.29
CA VAL A 28 11.01 -13.83 13.09
C VAL A 28 10.77 -15.23 13.61
N VAL A 29 11.00 -15.44 14.91
CA VAL A 29 10.91 -16.77 15.50
C VAL A 29 9.52 -17.11 16.02
N GLY A 30 8.61 -16.12 16.03
CA GLY A 30 7.24 -16.38 16.48
C GLY A 30 6.38 -15.17 16.39
N GLU A 31 5.07 -15.40 16.53
CA GLU A 31 4.07 -14.37 16.36
C GLU A 31 3.01 -14.52 17.45
N ALA A 32 2.34 -13.42 17.79
CA ALA A 32 1.25 -13.46 18.76
C ALA A 32 0.27 -12.40 18.44
N SER A 33 -0.98 -12.62 18.77
CA SER A 33 -2.04 -11.69 18.40
C SER A 33 -2.73 -11.01 19.55
N ASN A 34 -2.27 -11.26 20.77
CA ASN A 34 -2.81 -10.58 21.97
C ASN A 34 -1.76 -10.66 23.06
N GLY A 35 -2.02 -9.92 24.10
CA GLY A 35 -1.12 -9.80 25.21
C GLY A 35 -0.69 -11.11 25.87
N LYS A 36 -1.69 -11.89 26.27
CA LYS A 36 -1.46 -13.15 27.00
C LYS A 36 -0.58 -14.09 26.18
N GLU A 37 -0.88 -14.17 24.88
CA GLU A 37 -0.13 -14.97 23.95
C GLU A 37 1.30 -14.45 23.81
N ALA A 38 1.49 -13.14 23.84
CA ALA A 38 2.87 -12.56 23.73
C ALA A 38 3.74 -12.96 24.93
N VAL A 39 3.18 -12.89 26.13
CA VAL A 39 3.86 -13.33 27.35
C VAL A 39 4.28 -14.80 27.27
N GLU A 40 3.35 -15.69 26.91
CA GLU A 40 3.64 -17.15 26.77
C GLU A 40 4.71 -17.41 25.73
N LYS A 41 4.58 -16.78 24.58
CA LYS A 41 5.57 -16.94 23.50
C LYS A 41 6.92 -16.38 23.92
N TYR A 42 6.95 -15.30 24.71
CA TYR A 42 8.24 -14.78 25.20
C TYR A 42 8.97 -15.83 26.07
N LYS A 43 8.24 -16.40 27.06
CA LYS A 43 8.76 -17.46 27.94
C LYS A 43 9.38 -18.58 27.14
N GLN A 44 8.60 -19.06 26.18
CA GLN A 44 8.95 -20.21 25.35
C GLN A 44 10.11 -19.93 24.36
N LEU A 45 10.12 -18.76 23.73
CA LEU A 45 11.06 -18.50 22.63
C LEU A 45 12.29 -17.71 23.01
N LYS A 46 12.24 -16.97 24.13
CA LYS A 46 13.35 -16.16 24.60
C LYS A 46 13.97 -15.33 23.46
N PRO A 47 13.13 -14.53 22.76
CA PRO A 47 13.63 -13.78 21.62
C PRO A 47 14.57 -12.68 22.03
N ASP A 48 15.45 -12.27 21.14
CA ASP A 48 16.30 -11.10 21.41
C ASP A 48 15.48 -9.79 21.45
N LEU A 49 14.32 -9.78 20.80
CA LEU A 49 13.59 -8.57 20.52
C LEU A 49 12.11 -8.88 20.35
N VAL A 50 11.28 -7.97 20.85
CA VAL A 50 9.84 -8.07 20.68
C VAL A 50 9.36 -6.80 19.99
N THR A 51 8.50 -6.90 19.00
CA THR A 51 7.72 -5.77 18.50
C THR A 51 6.30 -5.96 18.93
N MET A 52 5.67 -4.92 19.46
CA MET A 52 4.33 -5.04 20.01
C MET A 52 3.47 -3.83 19.68
N ASP A 53 2.37 -4.08 18.97
CA ASP A 53 1.37 -3.05 18.77
C ASP A 53 0.86 -2.52 20.11
N ILE A 54 0.68 -1.22 20.20
CA ILE A 54 0.27 -0.62 21.48
C ILE A 54 -1.24 -0.86 21.76
N VAL A 55 -2.04 -1.10 20.73
CA VAL A 55 -3.38 -1.55 20.88
C VAL A 55 -3.48 -3.11 20.67
N MET A 56 -3.75 -3.75 21.81
CA MET A 56 -3.87 -5.13 22.03
C MET A 56 -5.34 -5.28 22.34
N PRO A 57 -5.97 -6.42 22.03
CA PRO A 57 -7.45 -6.49 22.24
C PRO A 57 -7.78 -6.48 23.70
N GLU A 58 -8.72 -5.65 24.10
CA GLU A 58 -9.05 -5.51 25.54
C GLU A 58 -10.51 -5.82 25.78
N MET A 59 -11.35 -5.86 24.73
CA MET A 59 -12.77 -5.92 24.91
C MET A 59 -13.25 -7.33 25.38
N ASP A 60 -13.91 -7.39 26.56
CA ASP A 60 -14.42 -8.65 27.10
C ASP A 60 -15.72 -9.10 26.38
N GLY A 61 -16.13 -10.35 26.62
CA GLY A 61 -17.30 -10.92 25.96
C GLY A 61 -18.57 -10.11 26.17
N ILE A 62 -18.77 -9.63 27.38
CA ILE A 62 -19.97 -8.90 27.75
C ILE A 62 -20.07 -7.62 26.96
N THR A 63 -18.95 -6.91 26.84
CA THR A 63 -18.92 -5.64 26.08
C THR A 63 -19.20 -5.91 24.62
N ALA A 64 -18.58 -6.96 24.09
CA ALA A 64 -18.86 -7.36 22.70
C ALA A 64 -20.35 -7.67 22.46
N VAL A 65 -20.98 -8.35 23.41
CA VAL A 65 -22.43 -8.59 23.32
C VAL A 65 -23.17 -7.26 23.31
N LYS A 66 -22.85 -6.36 24.24
CA LYS A 66 -23.55 -5.05 24.32
C LYS A 66 -23.41 -4.28 23.02
N GLU A 67 -22.21 -4.29 22.44
CA GLU A 67 -21.96 -3.54 21.22
C GLU A 67 -22.69 -4.10 20.04
N ILE A 68 -22.69 -5.42 19.93
CA ILE A 68 -23.46 -6.06 18.86
C ILE A 68 -24.97 -5.75 19.02
N MET A 69 -25.48 -5.80 20.26
CA MET A 69 -26.92 -5.53 20.48
C MET A 69 -27.28 -4.07 20.11
N LYS A 70 -26.38 -3.09 20.36
CA LYS A 70 -26.58 -1.71 19.89
C LYS A 70 -26.67 -1.61 18.37
N ILE A 71 -25.84 -2.36 17.67
CA ILE A 71 -25.84 -2.38 16.21
C ILE A 71 -27.10 -3.06 15.68
N ASP A 72 -27.54 -4.12 16.34
CA ASP A 72 -28.66 -4.90 15.83
C ASP A 72 -29.40 -5.47 17.03
N PRO A 73 -30.49 -4.80 17.46
CA PRO A 73 -31.28 -5.27 18.62
C PRO A 73 -31.86 -6.68 18.47
N ASN A 74 -31.96 -7.20 17.24
CA ASN A 74 -32.46 -8.57 17.01
C ASN A 74 -31.34 -9.61 16.84
N ALA A 75 -30.08 -9.23 17.08
CA ALA A 75 -28.96 -10.17 16.98
C ALA A 75 -29.20 -11.41 17.85
N LYS A 76 -28.70 -12.52 17.36
CA LYS A 76 -28.82 -13.79 18.07
C LYS A 76 -27.40 -14.23 18.40
N ILE A 77 -27.12 -14.26 19.71
CA ILE A 77 -25.80 -14.64 20.15
C ILE A 77 -25.85 -15.78 21.12
N ILE A 78 -25.02 -16.79 20.87
CA ILE A 78 -24.81 -17.94 21.79
C ILE A 78 -23.43 -17.84 22.38
N MET A 79 -23.36 -17.89 23.71
CA MET A 79 -22.09 -17.80 24.39
C MET A 79 -21.49 -19.20 24.51
N ILE A 80 -20.19 -19.29 24.57
CA ILE A 80 -19.51 -20.51 24.94
C ILE A 80 -19.03 -20.29 26.37
N THR A 81 -19.47 -21.15 27.28
CA THR A 81 -18.88 -21.14 28.62
C THR A 81 -17.78 -22.15 28.97
N ALA A 82 -16.85 -21.65 29.74
CA ALA A 82 -15.95 -22.51 30.54
C ALA A 82 -16.46 -22.47 31.96
N VAL A 83 -16.15 -23.52 32.72
CA VAL A 83 -16.49 -23.56 34.16
C VAL A 83 -15.72 -22.44 34.90
N GLY A 84 -16.33 -21.87 35.93
CA GLY A 84 -15.85 -20.68 36.63
C GLY A 84 -16.19 -19.30 36.10
N GLN A 85 -16.77 -19.20 34.91
CA GLN A 85 -17.10 -17.92 34.29
C GLN A 85 -18.59 -17.73 34.24
N GLU A 86 -19.34 -18.41 35.11
CA GLU A 86 -20.81 -18.41 35.02
C GLU A 86 -21.39 -17.02 35.26
N ALA A 87 -20.76 -16.24 36.17
CA ALA A 87 -21.19 -14.88 36.43
C ALA A 87 -21.19 -14.01 35.18
N LYS A 88 -20.16 -14.17 34.36
CA LYS A 88 -20.01 -13.43 33.11
C LYS A 88 -21.03 -13.88 32.06
N VAL A 89 -21.29 -15.17 31.98
CA VAL A 89 -22.30 -15.68 31.04
C VAL A 89 -23.67 -15.13 31.40
N MET A 90 -24.00 -15.18 32.70
CA MET A 90 -25.23 -14.62 33.23
C MET A 90 -25.41 -13.19 32.77
N GLU A 91 -24.35 -12.40 32.90
CA GLU A 91 -24.43 -10.99 32.52
C GLU A 91 -24.52 -10.82 31.02
N ALA A 92 -23.87 -11.69 30.28
CA ALA A 92 -23.98 -11.68 28.81
C ALA A 92 -25.41 -12.00 28.37
N LEU A 93 -26.03 -12.98 29.02
CA LEU A 93 -27.44 -13.27 28.75
C LEU A 93 -28.35 -12.09 29.09
N LYS A 94 -28.15 -11.51 30.26
CA LYS A 94 -28.86 -10.27 30.63
C LYS A 94 -28.69 -9.16 29.59
N SER A 95 -27.46 -8.99 29.07
CA SER A 95 -27.19 -7.94 28.09
C SER A 95 -27.69 -8.28 26.68
N GLY A 96 -28.30 -9.46 26.48
CA GLY A 96 -29.06 -9.80 25.27
C GLY A 96 -28.66 -11.09 24.55
N ALA A 97 -27.61 -11.80 24.99
CA ALA A 97 -27.31 -13.08 24.40
C ALA A 97 -28.49 -14.06 24.63
N LYS A 98 -28.75 -14.96 23.68
CA LYS A 98 -29.94 -15.83 23.71
C LYS A 98 -29.69 -17.21 24.29
N GLY A 99 -28.43 -17.63 24.42
CA GLY A 99 -28.16 -18.96 24.97
C GLY A 99 -26.68 -19.23 25.13
N TYR A 100 -26.34 -20.50 25.38
CA TYR A 100 -24.99 -20.87 25.60
C TYR A 100 -24.76 -22.33 25.32
N ILE A 101 -23.51 -22.68 24.99
CA ILE A 101 -23.08 -24.04 24.77
C ILE A 101 -21.82 -24.31 25.59
N VAL A 102 -21.59 -25.58 25.87
CA VAL A 102 -20.63 -26.02 26.84
C VAL A 102 -19.44 -26.62 26.11
N LYS A 103 -18.25 -26.20 26.45
CA LYS A 103 -16.99 -26.91 26.10
C LYS A 103 -16.72 -27.98 27.18
N PRO A 104 -16.20 -29.16 26.85
CA PRO A 104 -15.91 -29.59 25.49
C PRO A 104 -17.18 -29.83 24.69
N PHE A 105 -17.15 -29.59 23.38
CA PHE A 105 -18.39 -29.68 22.61
C PHE A 105 -18.86 -31.12 22.40
N GLN A 106 -20.14 -31.36 22.70
CA GLN A 106 -20.85 -32.50 22.20
C GLN A 106 -21.68 -32.01 21.03
N ALA A 107 -21.40 -32.55 19.83
CA ALA A 107 -21.98 -31.97 18.63
C ALA A 107 -23.51 -31.88 18.71
N GLN A 108 -24.14 -32.95 19.17
CA GLN A 108 -25.59 -33.02 19.26
C GLN A 108 -26.15 -31.87 20.11
N LYS A 109 -25.52 -31.57 21.25
CA LYS A 109 -26.02 -30.51 22.14
C LYS A 109 -25.81 -29.12 21.58
N VAL A 110 -24.72 -28.94 20.85
CA VAL A 110 -24.42 -27.66 20.20
C VAL A 110 -25.51 -27.40 19.19
N ILE A 111 -25.83 -28.41 18.39
CA ILE A 111 -26.81 -28.27 17.33
C ILE A 111 -28.21 -28.05 17.90
N GLU A 112 -28.55 -28.77 18.96
CA GLU A 112 -29.82 -28.54 19.64
C GLU A 112 -29.98 -27.10 20.11
N GLU A 113 -28.90 -26.55 20.69
CA GLU A 113 -28.94 -25.17 21.14
C GLU A 113 -28.97 -24.19 19.96
N VAL A 114 -28.20 -24.45 18.91
CA VAL A 114 -28.28 -23.63 17.71
C VAL A 114 -29.74 -23.59 17.17
N ASN A 115 -30.39 -24.73 17.11
CA ASN A 115 -31.76 -24.80 16.59
C ASN A 115 -32.75 -24.06 17.49
N ARG A 116 -32.64 -24.24 18.81
CA ARG A 116 -33.50 -23.51 19.75
C ARG A 116 -33.38 -21.98 19.51
N VAL A 117 -32.15 -21.49 19.40
CA VAL A 117 -31.94 -20.05 19.28
C VAL A 117 -32.44 -19.48 17.94
N LEU A 118 -32.31 -20.22 16.85
CA LEU A 118 -32.82 -19.77 15.51
C LEU A 118 -34.39 -19.84 15.27
N ALA B 2 3.38 -20.59 -12.20
CA ALA B 2 2.11 -19.88 -12.03
C ALA B 2 1.56 -18.99 -13.15
N ARG B 3 0.22 -18.91 -13.20
CA ARG B 3 -0.49 -18.07 -14.17
C ARG B 3 -0.75 -16.69 -13.57
N VAL B 4 -0.20 -15.65 -14.20
CA VAL B 4 -0.15 -14.30 -13.61
C VAL B 4 -0.84 -13.27 -14.52
N LEU B 5 -1.66 -12.42 -13.90
CA LEU B 5 -2.27 -11.28 -14.54
C LEU B 5 -1.47 -10.06 -14.11
N VAL B 6 -0.93 -9.30 -15.05
CA VAL B 6 -0.04 -8.18 -14.79
C VAL B 6 -0.74 -6.86 -15.03
N VAL B 7 -0.82 -6.03 -14.01
CA VAL B 7 -1.62 -4.83 -14.05
C VAL B 7 -0.75 -3.64 -13.72
N ASP B 8 -0.62 -2.72 -14.68
CA ASP B 8 0.15 -1.49 -14.51
C ASP B 8 -0.27 -0.52 -15.65
N ASP B 9 -0.39 0.78 -15.39
CA ASP B 9 -0.77 1.74 -16.45
C ASP B 9 0.36 1.98 -17.47
N ALA B 10 1.60 1.69 -17.09
CA ALA B 10 2.75 1.93 -17.97
C ALA B 10 3.10 0.62 -18.69
N ALA B 11 2.91 0.63 -20.02
CA ALA B 11 3.23 -0.51 -20.86
C ALA B 11 4.64 -1.06 -20.63
N PHE B 12 5.61 -0.17 -20.50
CA PHE B 12 6.98 -0.58 -20.36
C PHE B 12 7.18 -1.29 -19.01
N MET B 13 6.45 -0.87 -17.98
CA MET B 13 6.54 -1.57 -16.68
C MET B 13 5.92 -2.97 -16.70
N ARG B 14 4.84 -3.12 -17.46
CA ARG B 14 4.25 -4.45 -17.67
C ARG B 14 5.23 -5.33 -18.41
N MET B 15 5.92 -4.77 -19.40
CA MET B 15 6.89 -5.55 -20.18
C MET B 15 8.06 -5.96 -19.30
N LEU B 16 8.60 -5.06 -18.47
CA LEU B 16 9.72 -5.45 -17.58
C LEU B 16 9.30 -6.55 -16.61
N LEU B 17 8.12 -6.42 -16.01
CA LEU B 17 7.66 -7.42 -15.03
C LEU B 17 7.39 -8.74 -15.76
N LYS B 18 6.76 -8.66 -16.94
CA LYS B 18 6.50 -9.84 -17.76
C LYS B 18 7.78 -10.62 -18.08
N LYS B 19 8.84 -9.91 -18.46
CA LYS B 19 10.13 -10.54 -18.75
C LYS B 19 10.67 -11.27 -17.53
N ILE B 20 10.68 -10.62 -16.37
CA ILE B 20 11.19 -11.26 -15.16
C ILE B 20 10.36 -12.49 -14.78
N LEU B 21 9.03 -12.39 -14.89
CA LEU B 21 8.18 -13.50 -14.51
C LEU B 21 8.37 -14.71 -15.44
N THR B 22 8.45 -14.43 -16.74
CA THR B 22 8.65 -15.45 -17.76
C THR B 22 10.02 -16.11 -17.63
N GLN B 23 11.07 -15.35 -17.46
CA GLN B 23 12.39 -15.94 -17.20
C GLN B 23 12.40 -16.85 -15.99
N ALA B 24 11.60 -16.54 -14.97
CA ALA B 24 11.53 -17.43 -13.80
C ALA B 24 10.62 -18.64 -13.98
N GLY B 25 9.93 -18.76 -15.12
CA GLY B 25 9.05 -19.92 -15.43
C GLY B 25 7.55 -19.74 -15.27
N HIS B 26 7.13 -18.53 -14.98
CA HIS B 26 5.69 -18.22 -14.84
C HIS B 26 5.12 -17.84 -16.19
N GLU B 27 3.82 -17.89 -16.30
CA GLU B 27 3.11 -17.57 -17.54
C GLU B 27 2.27 -16.32 -17.28
N VAL B 28 2.57 -15.25 -18.00
CA VAL B 28 1.71 -14.08 -17.98
C VAL B 28 0.53 -14.35 -18.88
N VAL B 29 -0.64 -14.59 -18.29
CA VAL B 29 -1.83 -14.97 -19.05
C VAL B 29 -2.65 -13.77 -19.50
N GLY B 30 -2.33 -12.58 -19.01
CA GLY B 30 -3.03 -11.37 -19.42
C GLY B 30 -2.43 -10.13 -18.81
N GLU B 31 -2.85 -8.99 -19.35
CA GLU B 31 -2.38 -7.69 -18.92
C GLU B 31 -3.57 -6.73 -18.81
N ALA B 32 -3.43 -5.72 -17.95
CA ALA B 32 -4.43 -4.67 -17.85
C ALA B 32 -3.75 -3.38 -17.52
N SER B 33 -4.34 -2.28 -17.94
CA SER B 33 -3.73 -0.97 -17.68
C SER B 33 -4.53 -0.09 -16.73
N ASN B 34 -5.64 -0.59 -16.22
CA ASN B 34 -6.42 0.15 -15.23
C ASN B 34 -7.22 -0.81 -14.39
N GLY B 35 -7.79 -0.27 -13.32
CA GLY B 35 -8.53 -1.09 -12.37
C GLY B 35 -9.68 -1.89 -12.94
N LYS B 36 -10.57 -1.20 -13.66
CA LYS B 36 -11.78 -1.83 -14.22
C LYS B 36 -11.41 -3.01 -15.12
N GLU B 37 -10.40 -2.78 -15.96
CA GLU B 37 -9.88 -3.79 -16.86
C GLU B 37 -9.27 -4.97 -16.06
N ALA B 38 -8.62 -4.69 -14.94
CA ALA B 38 -8.05 -5.78 -14.11
C ALA B 38 -9.12 -6.69 -13.54
N VAL B 39 -10.20 -6.10 -13.04
CA VAL B 39 -11.36 -6.85 -12.54
C VAL B 39 -11.93 -7.78 -13.60
N GLU B 40 -12.21 -7.23 -14.80
CA GLU B 40 -12.77 -8.02 -15.93
C GLU B 40 -11.85 -9.17 -16.33
N LYS B 41 -10.57 -8.86 -16.46
CA LYS B 41 -9.57 -9.88 -16.82
C LYS B 41 -9.45 -10.94 -15.70
N TYR B 42 -9.61 -10.54 -14.43
CA TYR B 42 -9.58 -11.53 -13.35
C TYR B 42 -10.71 -12.57 -13.50
N LYS B 43 -11.95 -12.08 -13.68
CA LYS B 43 -13.14 -12.92 -13.89
C LYS B 43 -12.91 -13.92 -14.99
N GLN B 44 -12.45 -13.40 -16.12
CA GLN B 44 -12.23 -14.16 -17.34
C GLN B 44 -11.06 -15.17 -17.26
N LEU B 45 -9.94 -14.78 -16.64
CA LEU B 45 -8.71 -15.59 -16.68
C LEU B 45 -8.49 -16.46 -15.47
N LYS B 46 -9.09 -16.10 -14.32
CA LYS B 46 -8.91 -16.84 -13.06
C LYS B 46 -7.42 -17.14 -12.82
N PRO B 47 -6.57 -16.10 -12.81
CA PRO B 47 -5.13 -16.31 -12.67
C PRO B 47 -4.79 -16.78 -11.27
N ASP B 48 -3.68 -17.49 -11.11
CA ASP B 48 -3.22 -17.84 -9.78
C ASP B 48 -2.77 -16.60 -8.96
N LEU B 49 -2.39 -15.53 -9.67
CA LEU B 49 -1.74 -14.40 -9.07
C LEU B 49 -1.94 -13.15 -9.89
N VAL B 50 -2.10 -12.03 -9.18
CA VAL B 50 -2.22 -10.71 -9.83
C VAL B 50 -1.10 -9.84 -9.31
N THR B 51 -0.43 -9.12 -10.19
CA THR B 51 0.48 -8.03 -9.77
C THR B 51 -0.21 -6.74 -10.19
N MET B 52 -0.32 -5.79 -9.30
CA MET B 52 -1.10 -4.60 -9.54
C MET B 52 -0.49 -3.36 -9.00
N ASP B 53 -0.20 -2.40 -9.87
CA ASP B 53 0.29 -1.09 -9.46
C ASP B 53 -0.78 -0.46 -8.54
N ILE B 54 -0.33 0.11 -7.42
CA ILE B 54 -1.28 0.60 -6.43
C ILE B 54 -1.83 1.98 -6.85
N VAL B 55 -1.06 2.72 -7.64
CA VAL B 55 -1.58 3.97 -8.17
C VAL B 55 -1.90 3.79 -9.67
N MET B 56 -3.18 3.82 -9.98
CA MET B 56 -3.67 4.14 -11.35
C MET B 56 -4.00 5.64 -11.63
N PRO B 57 -3.22 6.27 -12.51
CA PRO B 57 -3.50 7.63 -12.93
C PRO B 57 -4.82 7.74 -13.69
N GLU B 58 -5.61 8.73 -13.34
CA GLU B 58 -6.90 8.95 -13.98
C GLU B 58 -6.96 10.21 -14.88
N MET B 59 -7.02 10.00 -16.18
CA MET B 59 -7.36 11.12 -17.09
C MET B 59 -8.84 11.50 -17.05
N ASP B 60 -9.20 12.71 -16.61
CA ASP B 60 -10.63 13.17 -16.65
C ASP B 60 -11.03 13.60 -18.08
N GLY B 61 -12.32 13.78 -18.29
CA GLY B 61 -12.86 14.16 -19.60
C GLY B 61 -12.27 15.44 -20.16
N ILE B 62 -12.07 16.44 -19.30
CA ILE B 62 -11.55 17.73 -19.72
C ILE B 62 -10.15 17.58 -20.28
N THR B 63 -9.31 16.80 -19.58
CA THR B 63 -7.93 16.56 -20.03
C THR B 63 -7.93 15.82 -21.35
N ALA B 64 -8.81 14.82 -21.47
CA ALA B 64 -8.93 14.10 -22.74
C ALA B 64 -9.35 15.03 -23.90
N VAL B 65 -10.27 15.96 -23.65
CA VAL B 65 -10.63 16.96 -24.67
C VAL B 65 -9.36 17.78 -25.05
N LYS B 66 -8.64 18.28 -24.03
CA LYS B 66 -7.44 19.10 -24.31
C LYS B 66 -6.41 18.34 -25.13
N GLU B 67 -6.21 17.07 -24.80
CA GLU B 67 -5.21 16.23 -25.49
C GLU B 67 -5.61 15.95 -26.91
N ILE B 68 -6.89 15.66 -27.14
CA ILE B 68 -7.37 15.46 -28.49
C ILE B 68 -7.20 16.76 -29.31
N MET B 69 -7.52 17.91 -28.72
CA MET B 69 -7.38 19.17 -29.44
C MET B 69 -5.92 19.49 -29.81
N LYS B 70 -4.96 19.15 -28.95
CA LYS B 70 -3.51 19.23 -29.29
C LYS B 70 -3.14 18.38 -30.48
N ILE B 71 -3.68 17.17 -30.54
CA ILE B 71 -3.41 16.25 -31.66
C ILE B 71 -4.06 16.74 -32.93
N ASP B 72 -5.26 17.30 -32.83
CA ASP B 72 -5.99 17.70 -34.02
C ASP B 72 -6.82 18.93 -33.65
N PRO B 73 -6.29 20.14 -33.97
CA PRO B 73 -7.02 21.38 -33.68
C PRO B 73 -8.39 21.51 -34.35
N ASN B 74 -8.68 20.73 -35.39
CA ASN B 74 -10.01 20.71 -36.01
C ASN B 74 -10.94 19.58 -35.52
N ALA B 75 -10.56 18.88 -34.45
CA ALA B 75 -11.40 17.80 -33.91
C ALA B 75 -12.79 18.32 -33.57
N LYS B 76 -13.75 17.45 -33.75
CA LYS B 76 -15.16 17.77 -33.47
C LYS B 76 -15.64 16.89 -32.33
N ILE B 77 -15.90 17.49 -31.19
CA ILE B 77 -16.24 16.81 -29.98
C ILE B 77 -17.54 17.39 -29.42
N ILE B 78 -18.47 16.48 -29.10
CA ILE B 78 -19.73 16.82 -28.41
C ILE B 78 -19.74 16.21 -27.05
N MET B 79 -20.02 17.04 -26.05
CA MET B 79 -20.01 16.59 -24.67
C MET B 79 -21.41 16.05 -24.41
N ILE B 80 -21.47 14.72 -24.25
CA ILE B 80 -22.74 14.08 -23.92
C ILE B 80 -22.64 13.70 -22.48
N THR B 81 -23.41 14.30 -21.63
CA THR B 81 -23.05 14.35 -20.19
C THR B 81 -24.30 14.33 -19.40
N ALA B 82 -24.18 14.19 -18.09
CA ALA B 82 -25.31 14.32 -17.17
C ALA B 82 -25.47 15.76 -16.73
N VAL B 83 -26.68 16.10 -16.31
CA VAL B 83 -26.99 17.41 -15.73
C VAL B 83 -26.14 17.66 -14.46
N GLY B 84 -25.79 18.92 -14.21
CA GLY B 84 -25.09 19.23 -12.90
C GLY B 84 -23.57 19.35 -13.10
N GLN B 85 -23.11 19.18 -14.33
CA GLN B 85 -21.71 19.23 -14.64
C GLN B 85 -21.30 20.56 -15.35
N GLU B 86 -22.17 21.59 -15.29
CA GLU B 86 -22.08 22.68 -16.26
C GLU B 86 -20.75 23.43 -16.30
N ALA B 87 -20.14 23.63 -15.14
CA ALA B 87 -18.82 24.33 -15.11
C ALA B 87 -17.75 23.59 -15.91
N LYS B 88 -17.77 22.26 -15.80
CA LYS B 88 -16.83 21.43 -16.53
C LYS B 88 -17.12 21.38 -18.03
N VAL B 89 -18.40 21.35 -18.39
CA VAL B 89 -18.76 21.40 -19.81
C VAL B 89 -18.33 22.72 -20.43
N MET B 90 -18.59 23.80 -19.73
CA MET B 90 -18.14 25.16 -20.12
C MET B 90 -16.68 25.17 -20.41
N GLU B 91 -15.89 24.57 -19.54
CA GLU B 91 -14.42 24.54 -19.73
C GLU B 91 -14.04 23.65 -20.91
N ALA B 92 -14.78 22.56 -21.10
CA ALA B 92 -14.55 21.70 -22.24
C ALA B 92 -14.84 22.43 -23.56
N LEU B 93 -15.94 23.18 -23.57
CA LEU B 93 -16.29 24.00 -24.72
C LEU B 93 -15.21 25.08 -24.98
N LYS B 94 -14.79 25.78 -23.96
CA LYS B 94 -13.67 26.72 -24.07
C LYS B 94 -12.43 26.07 -24.61
N SER B 95 -12.11 24.86 -24.16
CA SER B 95 -10.92 24.13 -24.65
C SER B 95 -11.08 23.55 -26.03
N GLY B 96 -12.24 23.71 -26.67
CA GLY B 96 -12.45 23.42 -28.12
C GLY B 96 -13.61 22.48 -28.47
N ALA B 97 -14.30 21.90 -27.52
CA ALA B 97 -15.46 21.05 -27.83
C ALA B 97 -16.54 21.92 -28.51
N LYS B 98 -17.27 21.36 -29.48
CA LYS B 98 -18.19 22.12 -30.31
C LYS B 98 -19.66 22.01 -29.95
N GLY B 99 -20.00 21.21 -28.95
CA GLY B 99 -21.44 20.85 -28.70
C GLY B 99 -21.66 20.23 -27.37
N TYR B 100 -22.90 20.03 -26.98
CA TYR B 100 -23.25 19.43 -25.72
C TYR B 100 -24.70 19.00 -25.72
N ILE B 101 -24.96 17.95 -25.01
CA ILE B 101 -26.35 17.44 -24.86
C ILE B 101 -26.36 16.82 -23.48
N VAL B 102 -27.54 16.78 -22.86
CA VAL B 102 -27.72 16.17 -21.57
C VAL B 102 -28.34 14.78 -21.72
N LYS B 103 -27.76 13.79 -21.08
CA LYS B 103 -28.37 12.47 -20.90
C LYS B 103 -29.24 12.49 -19.64
N PRO B 104 -30.38 11.80 -19.61
CA PRO B 104 -30.96 11.09 -20.76
C PRO B 104 -31.48 12.06 -21.81
N PHE B 105 -31.42 11.67 -23.07
CA PHE B 105 -31.72 12.54 -24.20
C PHE B 105 -32.75 11.83 -25.05
N GLN B 106 -33.18 12.53 -26.04
CA GLN B 106 -33.99 12.06 -27.15
C GLN B 106 -33.02 11.84 -28.33
N ALA B 107 -33.09 10.67 -28.89
CA ALA B 107 -32.38 10.34 -30.15
C ALA B 107 -32.40 11.44 -31.21
N GLN B 108 -33.58 11.99 -31.47
CA GLN B 108 -33.73 13.04 -32.46
C GLN B 108 -32.79 14.26 -32.15
N LYS B 109 -32.73 14.66 -30.89
CA LYS B 109 -31.91 15.82 -30.49
C LYS B 109 -30.43 15.50 -30.51
N VAL B 110 -30.04 14.26 -30.25
CA VAL B 110 -28.65 13.83 -30.35
C VAL B 110 -28.20 14.01 -31.78
N ILE B 111 -29.03 13.52 -32.70
CA ILE B 111 -28.71 13.57 -34.12
C ILE B 111 -28.69 15.01 -34.63
N GLU B 112 -29.63 15.80 -34.21
CA GLU B 112 -29.65 17.25 -34.52
C GLU B 112 -28.37 17.96 -34.06
N GLU B 113 -27.88 17.62 -32.89
CA GLU B 113 -26.62 18.17 -32.38
C GLU B 113 -25.43 17.63 -33.18
N VAL B 114 -25.42 16.33 -33.50
CA VAL B 114 -24.41 15.80 -34.38
C VAL B 114 -24.34 16.57 -35.71
N ASN B 115 -25.49 16.82 -36.31
CA ASN B 115 -25.57 17.52 -37.60
C ASN B 115 -25.08 18.97 -37.47
N ARG B 116 -25.51 19.68 -36.44
CA ARG B 116 -25.04 21.06 -36.20
C ARG B 116 -23.49 21.10 -36.11
N VAL B 117 -22.89 20.17 -35.36
CA VAL B 117 -21.46 20.17 -35.14
C VAL B 117 -20.67 19.85 -36.40
N LEU B 118 -21.17 18.93 -37.26
CA LEU B 118 -20.49 18.59 -38.54
C LEU B 118 -20.60 19.65 -39.71
N ALA C 2 19.31 11.65 45.53
CA ALA C 2 18.88 12.56 46.60
C ALA C 2 19.26 14.03 46.42
N ARG C 3 20.31 14.31 45.66
CA ARG C 3 20.63 15.67 45.19
C ARG C 3 19.97 15.91 43.81
N VAL C 4 19.06 16.89 43.75
CA VAL C 4 18.17 17.05 42.60
C VAL C 4 18.30 18.43 41.96
N LEU C 5 18.39 18.45 40.62
CA LEU C 5 18.36 19.66 39.83
C LEU C 5 16.95 19.76 39.26
N VAL C 6 16.27 20.89 39.51
CA VAL C 6 14.86 21.07 39.12
C VAL C 6 14.77 22.03 37.96
N VAL C 7 14.18 21.57 36.86
CA VAL C 7 14.11 22.32 35.65
C VAL C 7 12.68 22.51 35.23
N ASP C 8 12.25 23.76 35.15
CA ASP C 8 10.88 24.11 34.68
C ASP C 8 10.87 25.59 34.35
N ASP C 9 10.17 26.00 33.29
CA ASP C 9 10.14 27.45 32.91
C ASP C 9 9.28 28.29 33.90
N ALA C 10 8.37 27.65 34.62
CA ALA C 10 7.53 28.35 35.60
C ALA C 10 8.14 28.27 37.00
N ALA C 11 8.54 29.42 37.52
CA ALA C 11 9.10 29.55 38.86
C ALA C 11 8.27 28.87 39.93
N PHE C 12 6.96 29.08 39.87
CA PHE C 12 6.09 28.55 40.92
C PHE C 12 6.05 27.03 40.83
N MET C 13 6.19 26.46 39.63
CA MET C 13 6.23 24.99 39.49
C MET C 13 7.53 24.38 40.02
N ARG C 14 8.64 25.10 39.89
CA ARG C 14 9.88 24.71 40.52
C ARG C 14 9.73 24.71 42.03
N MET C 15 9.07 25.74 42.54
CA MET C 15 8.86 25.85 43.99
C MET C 15 7.94 24.72 44.50
N LEU C 16 6.87 24.41 43.80
CA LEU C 16 5.98 23.30 44.24
C LEU C 16 6.71 21.95 44.25
N LEU C 17 7.50 21.70 43.19
CA LEU C 17 8.24 20.45 43.11
C LEU C 17 9.32 20.42 44.19
N LYS C 18 10.00 21.53 44.38
CA LYS C 18 11.01 21.66 45.44
C LYS C 18 10.44 21.34 46.82
N LYS C 19 9.26 21.85 47.13
CA LYS C 19 8.60 21.56 48.40
C LYS C 19 8.33 20.06 48.59
N ILE C 20 7.77 19.43 47.57
CA ILE C 20 7.52 18.00 47.64
C ILE C 20 8.80 17.17 47.80
N LEU C 21 9.85 17.54 47.05
CA LEU C 21 11.10 16.80 47.10
C LEU C 21 11.78 16.94 48.48
N THR C 22 11.77 18.16 49.01
CA THR C 22 12.35 18.45 50.32
C THR C 22 11.59 17.75 51.44
N GLN C 23 10.27 17.81 51.43
CA GLN C 23 9.50 17.05 52.40
C GLN C 23 9.78 15.55 52.37
N ALA C 24 10.09 15.01 51.20
CA ALA C 24 10.42 13.59 51.10
C ALA C 24 11.88 13.26 51.44
N GLY C 25 12.69 14.27 51.78
CA GLY C 25 14.08 14.05 52.24
C GLY C 25 15.20 14.39 51.26
N HIS C 26 14.84 14.87 50.08
CA HIS C 26 15.81 15.15 49.02
C HIS C 26 16.29 16.59 49.17
N GLU C 27 17.41 16.90 48.54
CA GLU C 27 17.99 18.23 48.55
C GLU C 27 17.95 18.77 47.13
N VAL C 28 17.25 19.89 46.94
CA VAL C 28 17.29 20.58 45.66
C VAL C 28 18.57 21.40 45.60
N VAL C 29 19.53 20.96 44.80
CA VAL C 29 20.84 21.63 44.74
C VAL C 29 20.91 22.72 43.70
N GLY C 30 19.89 22.84 42.84
CA GLY C 30 19.90 23.93 41.84
C GLY C 30 18.65 23.93 40.98
N GLU C 31 18.47 24.99 40.22
CA GLU C 31 17.27 25.20 39.44
C GLU C 31 17.64 25.76 38.07
N ALA C 32 16.78 25.55 37.08
CA ALA C 32 16.96 26.10 35.75
C ALA C 32 15.63 26.31 35.12
N SER C 33 15.56 27.19 34.14
CA SER C 33 14.29 27.51 33.51
C SER C 33 14.24 27.15 32.03
N ASN C 34 15.33 26.59 31.50
CA ASN C 34 15.35 26.19 30.09
C ASN C 34 16.43 25.11 29.93
N GLY C 35 16.42 24.50 28.76
CA GLY C 35 17.33 23.42 28.45
C GLY C 35 18.80 23.75 28.57
N LYS C 36 19.24 24.82 27.94
CA LYS C 36 20.66 25.22 27.91
C LYS C 36 21.18 25.39 29.34
N GLU C 37 20.38 26.08 30.16
CA GLU C 37 20.69 26.31 31.55
C GLU C 37 20.75 24.99 32.34
N ALA C 38 19.86 24.04 32.01
CA ALA C 38 19.88 22.73 32.70
C ALA C 38 21.17 21.97 32.43
N VAL C 39 21.62 21.97 31.18
CA VAL C 39 22.90 21.34 30.79
C VAL C 39 24.07 21.92 31.59
N GLU C 40 24.19 23.26 31.62
CA GLU C 40 25.27 23.94 32.36
C GLU C 40 25.24 23.60 33.85
N LYS C 41 24.05 23.69 34.43
CA LYS C 41 23.88 23.34 35.84
C LYS C 41 24.19 21.85 36.10
N TYR C 42 23.87 20.97 35.16
CA TYR C 42 24.19 19.54 35.31
C TYR C 42 25.71 19.33 35.42
N LYS C 43 26.47 19.91 34.48
CA LYS C 43 27.95 19.85 34.47
C LYS C 43 28.51 20.26 35.81
N GLN C 44 28.05 21.42 36.27
CA GLN C 44 28.52 22.05 37.49
C GLN C 44 28.11 21.31 38.78
N LEU C 45 26.87 20.80 38.86
CA LEU C 45 26.36 20.25 40.11
C LEU C 45 26.43 18.72 40.22
N LYS C 46 26.51 18.02 39.09
CA LYS C 46 26.54 16.57 39.07
C LYS C 46 25.45 15.95 39.97
N PRO C 47 24.19 16.35 39.75
CA PRO C 47 23.11 15.90 40.63
C PRO C 47 22.82 14.44 40.47
N ASP C 48 22.29 13.79 41.50
CA ASP C 48 21.84 12.41 41.33
C ASP C 48 20.63 12.28 40.38
N LEU C 49 19.87 13.36 40.23
CA LEU C 49 18.58 13.32 39.59
C LEU C 49 18.21 14.69 39.03
N VAL C 50 17.58 14.67 37.88
CA VAL C 50 17.09 15.87 37.22
C VAL C 50 15.60 15.71 36.99
N THR C 51 14.81 16.74 37.29
CA THR C 51 13.41 16.80 36.89
C THR C 51 13.33 17.87 35.83
N MET C 52 12.64 17.58 34.72
CA MET C 52 12.58 18.52 33.62
C MET C 52 11.21 18.60 32.98
N ASP C 53 10.64 19.81 32.97
CA ASP C 53 9.33 20.02 32.39
C ASP C 53 9.45 20.37 30.93
N ILE C 54 8.70 19.71 30.05
CA ILE C 54 8.74 20.15 28.63
C ILE C 54 7.82 21.31 28.40
N VAL C 55 8.23 22.36 27.71
CA VAL C 55 7.30 23.46 27.36
C VAL C 55 6.92 23.37 25.88
N MET C 56 5.67 22.97 25.64
CA MET C 56 5.13 22.71 24.31
C MET C 56 4.18 23.84 23.87
N MET C 59 -0.97 23.59 20.42
CA MET C 59 -0.79 24.12 19.06
C MET C 59 0.40 25.11 18.96
N ASP C 60 1.41 24.79 18.15
CA ASP C 60 2.56 25.70 17.93
C ASP C 60 2.20 26.87 16.99
N GLY C 61 3.09 27.86 16.93
CA GLY C 61 2.87 29.06 16.11
C GLY C 61 2.61 28.75 14.64
N ILE C 62 3.35 27.81 14.10
CA ILE C 62 3.28 27.46 12.69
C ILE C 62 1.90 26.89 12.38
N THR C 63 1.39 26.02 13.25
CA THR C 63 0.07 25.40 13.05
C THR C 63 -0.99 26.48 13.14
N ALA C 64 -0.87 27.37 14.11
CA ALA C 64 -1.78 28.51 14.22
C ALA C 64 -1.80 29.39 12.95
N VAL C 65 -0.63 29.64 12.36
CA VAL C 65 -0.57 30.35 11.09
C VAL C 65 -1.34 29.55 10.01
N LYS C 66 -1.06 28.25 9.89
CA LYS C 66 -1.75 27.41 8.88
C LYS C 66 -3.26 27.43 9.06
N GLU C 67 -3.72 27.35 10.32
CA GLU C 67 -5.16 27.30 10.61
C GLU C 67 -5.82 28.61 10.30
N ILE C 68 -5.17 29.72 10.64
CA ILE C 68 -5.72 31.02 10.30
C ILE C 68 -5.79 31.17 8.77
N MET C 69 -4.76 30.73 8.05
CA MET C 69 -4.79 30.85 6.59
C MET C 69 -5.90 30.00 5.94
N LYS C 70 -6.22 28.83 6.49
CA LYS C 70 -7.40 28.02 6.08
C LYS C 70 -8.70 28.76 6.28
N ILE C 71 -8.84 29.45 7.40
CA ILE C 71 -10.06 30.22 7.70
C ILE C 71 -10.16 31.42 6.77
N ASP C 72 -9.03 32.08 6.49
CA ASP C 72 -9.07 33.29 5.71
C ASP C 72 -7.79 33.36 4.91
N PRO C 73 -7.84 32.93 3.62
CA PRO C 73 -6.65 32.95 2.75
C PRO C 73 -6.01 34.33 2.55
N ASN C 74 -6.73 35.41 2.83
CA ASN C 74 -6.15 36.78 2.75
C ASN C 74 -5.69 37.34 4.09
N ALA C 75 -5.66 36.52 5.15
CA ALA C 75 -5.19 36.95 6.46
C ALA C 75 -3.79 37.55 6.35
N LYS C 76 -3.54 38.55 7.17
CA LYS C 76 -2.25 39.22 7.20
C LYS C 76 -1.65 38.96 8.57
N ILE C 77 -0.56 38.20 8.58
CA ILE C 77 0.11 37.83 9.78
C ILE C 77 1.58 38.24 9.76
N ILE C 78 1.98 38.94 10.81
CA ILE C 78 3.35 39.42 11.06
C ILE C 78 3.88 38.64 12.27
N MET C 79 5.03 37.98 12.08
CA MET C 79 5.61 37.19 13.13
C MET C 79 6.52 38.10 13.96
N ILE C 80 6.65 37.77 15.24
CA ILE C 80 7.65 38.44 16.06
C ILE C 80 8.78 37.46 16.28
N THR C 81 9.97 37.80 15.85
CA THR C 81 11.15 37.01 16.15
C THR C 81 12.24 37.82 16.89
N ALA C 82 12.98 37.11 17.71
CA ALA C 82 14.27 37.55 18.22
C ALA C 82 15.33 36.77 17.47
N VAL C 83 16.58 37.17 17.60
CA VAL C 83 17.74 36.45 17.12
C VAL C 83 17.82 34.99 17.65
N GLY C 84 18.25 34.07 16.82
CA GLY C 84 18.08 32.64 17.04
C GLY C 84 16.78 31.92 16.75
N GLN C 85 15.71 32.58 16.40
CA GLN C 85 14.44 31.85 16.09
C GLN C 85 14.11 31.87 14.59
N GLU C 86 15.13 32.15 13.76
CA GLU C 86 14.86 32.47 12.36
C GLU C 86 14.29 31.30 11.58
N ALA C 87 14.69 30.07 11.94
CA ALA C 87 14.14 28.86 11.31
C ALA C 87 12.63 28.78 11.41
N LYS C 88 12.09 29.16 12.58
CA LYS C 88 10.66 29.13 12.81
C LYS C 88 9.93 30.24 12.03
N VAL C 89 10.55 31.41 11.97
CA VAL C 89 9.96 32.51 11.21
C VAL C 89 9.89 32.14 9.72
N MET C 90 10.99 31.59 9.21
CA MET C 90 11.08 31.10 7.83
C MET C 90 9.92 30.19 7.52
N GLU C 91 9.66 29.24 8.43
CA GLU C 91 8.60 28.28 8.21
C GLU C 91 7.20 28.92 8.28
N ALA C 92 7.09 29.90 9.17
CA ALA C 92 5.85 30.66 9.29
C ALA C 92 5.57 31.45 8.02
N LEU C 93 6.61 32.08 7.46
CA LEU C 93 6.48 32.80 6.20
C LEU C 93 6.07 31.86 5.07
N LYS C 94 6.78 30.71 4.96
CA LYS C 94 6.38 29.69 4.01
C LYS C 94 4.90 29.25 4.17
N SER C 95 4.43 29.10 5.41
CA SER C 95 3.05 28.68 5.66
C SER C 95 2.01 29.81 5.47
N GLY C 96 2.46 31.02 5.10
CA GLY C 96 1.53 32.11 4.70
C GLY C 96 1.68 33.46 5.42
N ALA C 97 2.50 33.54 6.47
CA ALA C 97 2.71 34.83 7.13
C ALA C 97 3.36 35.81 6.16
N LYS C 98 3.02 37.10 6.26
CA LYS C 98 3.45 38.13 5.32
C LYS C 98 4.69 38.89 5.72
N GLY C 99 5.10 38.81 6.98
CA GLY C 99 6.30 39.54 7.41
C GLY C 99 6.72 39.23 8.85
N TYR C 100 7.64 40.04 9.35
CA TYR C 100 8.11 39.87 10.70
C TYR C 100 8.68 41.15 11.23
N ILE C 101 8.66 41.26 12.57
CA ILE C 101 9.30 42.35 13.28
C ILE C 101 10.22 41.75 14.33
N VAL C 102 11.21 42.53 14.70
CA VAL C 102 12.32 42.05 15.52
C VAL C 102 12.15 42.58 16.93
N LYS C 103 12.25 41.70 17.92
CA LYS C 103 12.40 42.10 19.33
C LYS C 103 13.91 42.31 19.60
N PRO C 104 14.31 43.26 20.42
CA PRO C 104 13.43 44.25 21.06
C PRO C 104 12.86 45.23 20.05
N PHE C 105 11.66 45.73 20.27
CA PHE C 105 10.99 46.57 19.30
C PHE C 105 11.56 47.95 19.15
N GLN C 106 11.84 48.34 17.92
CA GLN C 106 12.12 49.72 17.58
C GLN C 106 10.87 50.24 16.90
N ALA C 107 10.22 51.23 17.49
CA ALA C 107 8.86 51.61 17.09
C ALA C 107 8.77 51.91 15.61
N GLN C 108 9.73 52.68 15.10
CA GLN C 108 9.73 53.08 13.71
C GLN C 108 9.75 51.87 12.76
N LYS C 109 10.54 50.85 13.09
CA LYS C 109 10.64 49.67 12.22
C LYS C 109 9.39 48.80 12.27
N VAL C 110 8.75 48.75 13.45
CA VAL C 110 7.52 48.01 13.62
C VAL C 110 6.47 48.63 12.73
N ILE C 111 6.37 49.95 12.77
CA ILE C 111 5.36 50.66 12.01
C ILE C 111 5.62 50.55 10.52
N GLU C 112 6.89 50.66 10.11
CA GLU C 112 7.24 50.48 8.70
C GLU C 112 6.79 49.10 8.18
N GLU C 113 7.01 48.06 8.99
CA GLU C 113 6.60 46.73 8.61
C GLU C 113 5.08 46.58 8.63
N VAL C 114 4.41 47.13 9.62
CA VAL C 114 2.95 47.13 9.63
C VAL C 114 2.39 47.78 8.33
N ASN C 115 2.96 48.91 7.93
CA ASN C 115 2.49 49.61 6.73
C ASN C 115 2.76 48.80 5.47
N ARG C 116 3.95 48.22 5.34
CA ARG C 116 4.26 47.37 4.19
C ARG C 116 3.24 46.23 4.06
N VAL C 117 2.93 45.55 5.17
CA VAL C 117 2.04 44.41 5.12
C VAL C 117 0.58 44.79 4.77
N LEU C 118 0.10 45.92 5.26
CA LEU C 118 -1.29 46.40 4.94
C LEU C 118 -1.53 46.99 3.49
N ALA D 2 -18.98 11.66 -40.03
CA ALA D 2 -19.70 10.37 -40.24
C ALA D 2 -18.99 9.15 -39.66
N ARG D 3 -17.66 9.20 -39.51
CA ARG D 3 -16.89 8.24 -38.69
C ARG D 3 -16.77 8.74 -37.26
N VAL D 4 -17.35 8.00 -36.29
CA VAL D 4 -17.55 8.49 -34.92
C VAL D 4 -16.86 7.61 -33.88
N LEU D 5 -16.18 8.24 -32.93
CA LEU D 5 -15.60 7.59 -31.77
C LEU D 5 -16.51 7.91 -30.61
N VAL D 6 -17.00 6.88 -29.92
CA VAL D 6 -17.95 7.04 -28.80
C VAL D 6 -17.26 6.79 -27.47
N VAL D 7 -17.29 7.77 -26.59
CA VAL D 7 -16.57 7.71 -25.34
C VAL D 7 -17.52 7.88 -24.17
N ASP D 8 -17.61 6.84 -23.33
CA ASP D 8 -18.43 6.89 -22.12
C ASP D 8 -18.01 5.70 -21.21
N ASP D 9 -17.93 5.88 -19.89
CA ASP D 9 -17.58 4.77 -18.97
C ASP D 9 -18.70 3.72 -18.84
N ALA D 10 -19.93 4.07 -19.17
CA ALA D 10 -21.07 3.17 -19.06
C ALA D 10 -21.31 2.48 -20.42
N ALA D 11 -21.09 1.16 -20.43
CA ALA D 11 -21.30 0.33 -21.60
C ALA D 11 -22.66 0.53 -22.23
N PHE D 12 -23.70 0.63 -21.42
CA PHE D 12 -25.05 0.74 -21.91
C PHE D 12 -25.21 2.07 -22.67
N MET D 13 -24.54 3.13 -22.20
CA MET D 13 -24.62 4.43 -22.88
C MET D 13 -23.90 4.42 -24.24
N ARG D 14 -22.80 3.70 -24.32
CA ARG D 14 -22.10 3.52 -25.57
C ARG D 14 -22.95 2.77 -26.56
N MET D 15 -23.66 1.75 -26.05
CA MET D 15 -24.52 0.93 -26.92
C MET D 15 -25.68 1.75 -27.42
N LEU D 16 -26.33 2.53 -26.54
CA LEU D 16 -27.46 3.37 -27.01
C LEU D 16 -27.00 4.38 -28.06
N LEU D 17 -25.87 5.04 -27.83
CA LEU D 17 -25.38 6.05 -28.77
C LEU D 17 -24.99 5.39 -30.07
N LYS D 18 -24.31 4.25 -29.99
CA LYS D 18 -23.95 3.50 -31.17
C LYS D 18 -25.16 3.17 -32.07
N LYS D 19 -26.22 2.67 -31.43
CA LYS D 19 -27.45 2.35 -32.16
C LYS D 19 -28.05 3.55 -32.87
N ILE D 20 -28.18 4.66 -32.13
CA ILE D 20 -28.73 5.89 -32.74
C ILE D 20 -27.88 6.42 -33.86
N LEU D 21 -26.56 6.39 -33.71
CA LEU D 21 -25.66 6.91 -34.75
C LEU D 21 -25.72 6.07 -36.00
N THR D 22 -25.73 4.74 -35.82
CA THR D 22 -25.82 3.80 -36.94
C THR D 22 -27.16 3.94 -37.69
N GLN D 23 -28.27 3.97 -36.95
CA GLN D 23 -29.56 4.23 -37.59
C GLN D 23 -29.60 5.54 -38.38
N ALA D 24 -28.88 6.56 -37.94
CA ALA D 24 -28.85 7.82 -38.67
C ALA D 24 -27.84 7.84 -39.84
N GLY D 25 -27.11 6.73 -40.07
CA GLY D 25 -26.19 6.60 -41.22
C GLY D 25 -24.69 6.77 -40.94
N HIS D 26 -24.34 6.94 -39.69
CA HIS D 26 -22.95 7.13 -39.30
C HIS D 26 -22.32 5.77 -39.02
N GLU D 27 -20.99 5.74 -39.03
CA GLU D 27 -20.24 4.54 -38.73
C GLU D 27 -19.49 4.76 -37.42
N VAL D 28 -19.79 3.95 -36.42
CA VAL D 28 -19.06 4.02 -35.15
C VAL D 28 -17.77 3.23 -35.35
N VAL D 29 -16.65 3.93 -35.46
CA VAL D 29 -15.36 3.29 -35.77
C VAL D 29 -14.62 2.87 -34.51
N GLY D 30 -15.07 3.27 -33.33
CA GLY D 30 -14.42 2.84 -32.09
C GLY D 30 -15.18 3.31 -30.87
N GLU D 31 -14.79 2.77 -29.73
CA GLU D 31 -15.37 3.06 -28.44
C GLU D 31 -14.24 3.18 -27.41
N ALA D 32 -14.50 3.93 -26.34
CA ALA D 32 -13.56 4.03 -25.25
C ALA D 32 -14.30 4.25 -23.99
N SER D 33 -13.76 3.75 -22.88
CA SER D 33 -14.43 3.84 -21.60
C SER D 33 -13.72 4.71 -20.59
N ASN D 34 -12.60 5.32 -20.97
CA ASN D 34 -11.89 6.24 -20.09
C ASN D 34 -11.11 7.23 -20.94
N GLY D 35 -10.62 8.25 -20.26
CA GLY D 35 -9.95 9.34 -20.97
C GLY D 35 -8.74 8.92 -21.78
N LYS D 36 -7.83 8.21 -21.14
CA LYS D 36 -6.57 7.78 -21.78
C LYS D 36 -6.84 6.99 -23.03
N GLU D 37 -7.79 6.06 -22.93
CA GLU D 37 -8.23 5.23 -24.04
C GLU D 37 -8.82 6.09 -25.17
N ALA D 38 -9.57 7.15 -24.81
CA ALA D 38 -10.17 8.03 -25.85
C ALA D 38 -9.09 8.74 -26.69
N VAL D 39 -8.07 9.25 -25.99
CA VAL D 39 -6.94 9.90 -26.65
C VAL D 39 -6.24 8.96 -27.64
N GLU D 40 -5.89 7.75 -27.16
CA GLU D 40 -5.21 6.72 -28.00
C GLU D 40 -6.04 6.35 -29.21
N LYS D 41 -7.34 6.09 -28.98
CA LYS D 41 -8.23 5.75 -30.09
C LYS D 41 -8.38 6.91 -31.06
N TYR D 42 -8.37 8.16 -30.57
CA TYR D 42 -8.43 9.31 -31.49
C TYR D 42 -7.23 9.34 -32.46
N LYS D 43 -6.01 9.21 -31.89
CA LYS D 43 -4.74 9.17 -32.67
C LYS D 43 -4.83 8.14 -33.77
N GLN D 44 -5.22 6.94 -33.35
CA GLN D 44 -5.28 5.77 -34.24
C GLN D 44 -6.39 5.82 -35.30
N LEU D 45 -7.57 6.31 -34.93
CA LEU D 45 -8.75 6.22 -35.82
C LEU D 45 -9.05 7.47 -36.58
N LYS D 46 -8.57 8.64 -36.12
CA LYS D 46 -8.78 9.94 -36.79
C LYS D 46 -10.26 10.11 -37.17
N PRO D 47 -11.17 9.96 -36.19
CA PRO D 47 -12.60 10.01 -36.50
C PRO D 47 -13.02 11.40 -36.90
N ASP D 48 -14.09 11.51 -37.68
CA ASP D 48 -14.65 12.84 -37.98
C ASP D 48 -15.26 13.51 -36.75
N LEU D 49 -15.66 12.71 -35.75
CA LEU D 49 -16.44 13.18 -34.64
C LEU D 49 -16.20 12.30 -33.43
N VAL D 50 -16.22 12.91 -32.26
CA VAL D 50 -16.12 12.25 -30.99
C VAL D 50 -17.30 12.63 -30.14
N THR D 51 -17.93 11.67 -29.45
CA THR D 51 -18.86 11.98 -28.38
C THR D 51 -18.20 11.57 -27.08
N MET D 52 -18.27 12.41 -26.06
CA MET D 52 -17.48 12.17 -24.88
C MET D 52 -18.20 12.56 -23.59
N ASP D 53 -18.38 11.61 -22.71
CA ASP D 53 -18.81 11.91 -21.35
C ASP D 53 -17.79 12.82 -20.66
N ILE D 54 -18.18 13.80 -19.91
CA ILE D 54 -17.22 14.65 -19.19
C ILE D 54 -16.66 13.96 -17.93
N VAL D 55 -17.45 13.10 -17.35
CA VAL D 55 -17.02 12.41 -16.10
C VAL D 55 -16.80 10.96 -16.40
N MET D 56 -15.56 10.52 -16.51
CA MET D 56 -15.23 9.06 -16.35
C MET D 56 -14.67 8.64 -14.97
N PRO D 57 -15.46 7.93 -14.16
CA PRO D 57 -14.96 7.52 -12.83
C PRO D 57 -13.88 6.47 -12.96
N GLU D 58 -12.78 6.65 -12.26
CA GLU D 58 -11.60 5.78 -12.43
C GLU D 58 -11.27 4.98 -11.17
N MET D 59 -11.32 3.68 -11.31
CA MET D 59 -11.03 2.76 -10.21
C MET D 59 -9.53 2.71 -9.82
N ASP D 60 -9.20 3.07 -8.59
CA ASP D 60 -7.80 2.98 -8.07
C ASP D 60 -7.44 1.53 -7.68
N GLY D 61 -6.17 1.29 -7.40
CA GLY D 61 -5.66 -0.03 -7.02
C GLY D 61 -6.38 -0.65 -5.83
N ILE D 62 -6.64 0.14 -4.81
CA ILE D 62 -7.26 -0.37 -3.58
C ILE D 62 -8.67 -0.85 -3.89
N THR D 63 -9.41 -0.09 -4.67
CA THR D 63 -10.80 -0.47 -5.04
C THR D 63 -10.78 -1.75 -5.87
N ALA D 64 -9.84 -1.82 -6.79
CA ALA D 64 -9.66 -3.05 -7.59
C ALA D 64 -9.34 -4.26 -6.73
N VAL D 65 -8.51 -4.10 -5.71
CA VAL D 65 -8.26 -5.18 -4.74
C VAL D 65 -9.57 -5.58 -4.07
N LYS D 66 -10.33 -4.59 -3.56
CA LYS D 66 -11.59 -4.91 -2.86
C LYS D 66 -12.56 -5.69 -3.77
N GLU D 67 -12.65 -5.25 -5.03
CA GLU D 67 -13.58 -5.87 -5.96
C GLU D 67 -13.18 -7.27 -6.34
N ILE D 68 -11.88 -7.47 -6.56
CA ILE D 68 -11.39 -8.83 -6.81
C ILE D 68 -11.63 -9.73 -5.61
N MET D 69 -11.39 -9.23 -4.39
CA MET D 69 -11.61 -10.06 -3.18
C MET D 69 -13.08 -10.46 -3.01
N LYS D 70 -14.03 -9.57 -3.37
CA LYS D 70 -15.47 -9.93 -3.41
C LYS D 70 -15.77 -11.05 -4.38
N ILE D 71 -15.14 -11.01 -5.56
CA ILE D 71 -15.33 -12.05 -6.57
C ILE D 71 -14.68 -13.37 -6.12
N ASP D 72 -13.53 -13.30 -5.49
CA ASP D 72 -12.78 -14.50 -5.15
C ASP D 72 -12.04 -14.22 -3.84
N PRO D 73 -12.62 -14.65 -2.70
CA PRO D 73 -11.98 -14.43 -1.39
C PRO D 73 -10.59 -15.07 -1.23
N ASN D 74 -10.23 -16.04 -2.08
CA ASN D 74 -8.90 -16.64 -2.05
C ASN D 74 -7.91 -16.04 -3.07
N ALA D 75 -8.27 -14.94 -3.72
CA ALA D 75 -7.40 -14.28 -4.69
C ALA D 75 -6.05 -13.96 -4.06
N LYS D 76 -5.02 -14.02 -4.88
CA LYS D 76 -3.67 -13.71 -4.42
C LYS D 76 -3.18 -12.52 -5.21
N ILE D 77 -3.05 -11.40 -4.52
CA ILE D 77 -2.70 -10.16 -5.15
C ILE D 77 -1.47 -9.55 -4.51
N ILE D 78 -0.51 -9.21 -5.38
CA ILE D 78 0.71 -8.49 -5.03
C ILE D 78 0.64 -7.09 -5.60
N MET D 79 0.85 -6.09 -4.76
CA MET D 79 0.80 -4.73 -5.20
C MET D 79 2.15 -4.30 -5.73
N ILE D 80 2.14 -3.46 -6.76
CA ILE D 80 3.38 -2.89 -7.26
C ILE D 80 3.38 -1.44 -6.82
N THR D 81 4.37 -1.06 -6.03
CA THR D 81 4.42 0.25 -5.43
C THR D 81 5.81 0.85 -5.62
N ALA D 82 5.89 2.19 -5.54
CA ALA D 82 7.14 2.89 -5.36
C ALA D 82 7.29 3.26 -3.87
N VAL D 83 8.50 3.67 -3.52
CA VAL D 83 8.80 4.21 -2.19
C VAL D 83 8.00 5.48 -1.92
N GLY D 84 7.55 5.67 -0.65
CA GLY D 84 6.66 6.82 -0.35
C GLY D 84 5.16 6.55 -0.44
N GLN D 85 4.78 5.31 -0.85
CA GLN D 85 3.35 5.03 -0.95
C GLN D 85 2.90 4.08 0.17
N GLU D 86 3.64 4.03 1.27
CA GLU D 86 3.43 2.97 2.28
C GLU D 86 2.04 2.95 2.90
N ALA D 87 1.46 4.12 3.10
CA ALA D 87 0.08 4.18 3.65
C ALA D 87 -0.93 3.46 2.77
N LYS D 88 -0.77 3.63 1.45
CA LYS D 88 -1.64 2.96 0.47
C LYS D 88 -1.39 1.46 0.39
N VAL D 89 -0.16 1.05 0.48
CA VAL D 89 0.17 -0.39 0.50
C VAL D 89 -0.46 -1.04 1.73
N MET D 90 -0.29 -0.41 2.89
CA MET D 90 -0.90 -0.84 4.15
C MET D 90 -2.39 -1.06 3.96
N GLU D 91 -3.07 -0.11 3.33
CA GLU D 91 -4.51 -0.21 3.14
C GLU D 91 -4.88 -1.30 2.15
N ALA D 92 -4.03 -1.47 1.13
CA ALA D 92 -4.23 -2.54 0.16
C ALA D 92 -4.11 -3.90 0.84
N LEU D 93 -3.10 -4.04 1.70
CA LEU D 93 -2.91 -5.27 2.46
C LEU D 93 -4.10 -5.53 3.39
N LYS D 94 -4.52 -4.51 4.12
CA LYS D 94 -5.74 -4.60 4.94
C LYS D 94 -6.95 -5.05 4.14
N SER D 95 -7.11 -4.51 2.92
CA SER D 95 -8.27 -4.88 2.09
C SER D 95 -8.13 -6.25 1.43
N GLY D 96 -7.01 -6.96 1.65
CA GLY D 96 -6.86 -8.39 1.24
C GLY D 96 -5.64 -8.73 0.37
N ALA D 97 -4.87 -7.74 -0.08
CA ALA D 97 -3.68 -8.04 -0.88
C ALA D 97 -2.68 -8.80 0.00
N LYS D 98 -1.93 -9.73 -0.59
CA LYS D 98 -1.00 -10.62 0.13
C LYS D 98 0.42 -10.14 0.19
N GLY D 99 0.80 -9.16 -0.64
CA GLY D 99 2.16 -8.62 -0.59
C GLY D 99 2.39 -7.45 -1.52
N TYR D 100 3.65 -7.14 -1.74
CA TYR D 100 4.03 -6.04 -2.60
C TYR D 100 5.43 -6.19 -3.09
N ILE D 101 5.71 -5.57 -4.25
CA ILE D 101 7.05 -5.52 -4.83
C ILE D 101 7.30 -4.06 -5.21
N VAL D 102 8.55 -3.67 -5.17
CA VAL D 102 8.93 -2.27 -5.24
C VAL D 102 9.55 -1.99 -6.60
N LYS D 103 9.06 -0.94 -7.27
CA LYS D 103 9.70 -0.38 -8.47
C LYS D 103 10.79 0.61 -8.00
N PRO D 104 11.92 0.71 -8.69
CA PRO D 104 12.29 -0.14 -9.83
C PRO D 104 12.59 -1.58 -9.39
N PHE D 105 12.29 -2.53 -10.26
CA PHE D 105 12.34 -3.94 -9.90
C PHE D 105 13.72 -4.49 -9.73
N GLN D 106 13.95 -5.19 -8.64
CA GLN D 106 15.07 -6.16 -8.57
C GLN D 106 14.50 -7.53 -8.80
N ALA D 107 14.93 -8.20 -9.85
CA ALA D 107 14.24 -9.42 -10.32
C ALA D 107 14.21 -10.47 -9.22
N GLN D 108 15.33 -10.65 -8.53
CA GLN D 108 15.43 -11.61 -7.45
C GLN D 108 14.38 -11.38 -6.35
N LYS D 109 14.16 -10.12 -5.98
CA LYS D 109 13.18 -9.81 -4.90
C LYS D 109 11.76 -9.96 -5.37
N VAL D 110 11.50 -9.71 -6.66
CA VAL D 110 10.18 -9.92 -7.24
C VAL D 110 9.82 -11.37 -7.12
N ILE D 111 10.77 -12.22 -7.52
CA ILE D 111 10.55 -13.65 -7.53
C ILE D 111 10.41 -14.19 -6.12
N GLU D 112 11.24 -13.72 -5.21
CA GLU D 112 11.11 -14.09 -3.79
C GLU D 112 9.73 -13.78 -3.23
N GLU D 113 9.20 -12.60 -3.57
CA GLU D 113 7.87 -12.24 -3.13
C GLU D 113 6.80 -13.05 -3.82
N VAL D 114 6.93 -13.31 -5.11
CA VAL D 114 6.00 -14.19 -5.80
C VAL D 114 5.95 -15.56 -5.10
N ASN D 115 7.11 -16.12 -4.76
CA ASN D 115 7.17 -17.43 -4.13
C ASN D 115 6.56 -17.42 -2.73
N ARG D 116 6.85 -16.40 -1.93
CA ARG D 116 6.25 -16.28 -0.59
C ARG D 116 4.72 -16.28 -0.69
N VAL D 117 4.16 -15.49 -1.63
CA VAL D 117 2.71 -15.38 -1.73
C VAL D 117 2.04 -16.66 -2.20
N LEU D 118 2.66 -17.41 -3.11
CA LEU D 118 2.09 -18.71 -3.59
C LEU D 118 2.19 -19.95 -2.63
N ALA E 2 29.27 -31.62 -5.86
CA ALA E 2 29.16 -30.54 -4.85
C ALA E 2 29.83 -29.22 -5.22
N ARG E 3 30.81 -29.25 -6.12
CA ARG E 3 31.31 -28.05 -6.82
C ARG E 3 30.53 -27.86 -8.13
N VAL E 4 29.81 -26.73 -8.24
CA VAL E 4 28.81 -26.52 -9.30
C VAL E 4 29.10 -25.31 -10.15
N LEU E 5 29.00 -25.48 -11.47
CA LEU E 5 29.08 -24.39 -12.43
C LEU E 5 27.65 -24.07 -12.84
N VAL E 6 27.23 -22.82 -12.68
CA VAL E 6 25.84 -22.40 -12.95
C VAL E 6 25.79 -21.60 -14.22
N VAL E 7 24.99 -22.06 -15.18
CA VAL E 7 24.91 -21.47 -16.49
C VAL E 7 23.50 -21.02 -16.79
N ASP E 8 23.31 -19.74 -17.00
CA ASP E 8 22.00 -19.15 -17.35
C ASP E 8 22.25 -17.74 -17.91
N ASP E 9 21.55 -17.32 -18.94
CA ASP E 9 21.75 -15.95 -19.51
C ASP E 9 21.19 -14.84 -18.59
N ALA E 10 20.25 -15.19 -17.70
CA ALA E 10 19.69 -14.22 -16.77
C ALA E 10 20.45 -14.24 -15.43
N ALA E 11 21.13 -13.13 -15.14
CA ALA E 11 21.87 -12.96 -13.89
C ALA E 11 21.07 -13.32 -12.64
N PHE E 12 19.81 -12.87 -12.61
CA PHE E 12 19.02 -13.07 -11.42
C PHE E 12 18.69 -14.56 -11.28
N MET E 13 18.54 -15.28 -12.39
CA MET E 13 18.28 -16.74 -12.31
C MET E 13 19.51 -17.52 -11.81
N ARG E 14 20.70 -17.07 -12.18
CA ARG E 14 21.92 -17.64 -11.64
C ARG E 14 21.99 -17.42 -10.15
N MET E 15 21.61 -16.21 -9.72
CA MET E 15 21.64 -15.87 -8.31
C MET E 15 20.63 -16.70 -7.53
N LEU E 16 19.39 -16.85 -8.03
CA LEU E 16 18.41 -17.70 -7.32
C LEU E 16 18.87 -19.13 -7.19
N LEU E 17 19.41 -19.70 -8.27
CA LEU E 17 19.86 -21.09 -8.24
C LEU E 17 21.07 -21.21 -7.31
N LYS E 18 22.00 -20.26 -7.40
CA LYS E 18 23.15 -20.23 -6.50
C LYS E 18 22.73 -20.24 -5.03
N LYS E 19 21.75 -19.44 -4.65
CA LYS E 19 21.25 -19.41 -3.27
C LYS E 19 20.71 -20.77 -2.83
N ILE E 20 19.87 -21.37 -3.66
CA ILE E 20 19.34 -22.71 -3.35
C ILE E 20 20.44 -23.77 -3.21
N LEU E 21 21.42 -23.73 -4.10
CA LEU E 21 22.50 -24.71 -4.09
C LEU E 21 23.38 -24.55 -2.83
N THR E 22 23.70 -23.31 -2.51
CA THR E 22 24.48 -22.98 -1.31
C THR E 22 23.76 -23.36 -0.02
N GLN E 23 22.48 -23.01 0.10
CA GLN E 23 21.70 -23.47 1.24
C GLN E 23 21.67 -24.99 1.40
N ALA E 24 21.71 -25.72 0.30
CA ALA E 24 21.75 -27.18 0.38
C ALA E 24 23.16 -27.76 0.61
N GLY E 25 24.18 -26.91 0.72
CA GLY E 25 25.56 -27.35 1.06
C GLY E 25 26.58 -27.39 -0.07
N HIS E 26 26.18 -27.00 -1.26
CA HIS E 26 27.04 -27.07 -2.44
C HIS E 26 27.80 -25.77 -2.57
N GLU E 27 28.88 -25.80 -3.34
CA GLU E 27 29.71 -24.63 -3.58
C GLU E 27 29.59 -24.26 -5.06
N VAL E 28 29.08 -23.07 -5.34
CA VAL E 28 29.05 -22.57 -6.72
C VAL E 28 30.44 -22.04 -7.04
N VAL E 29 31.19 -22.76 -7.87
CA VAL E 29 32.57 -22.39 -8.16
C VAL E 29 32.70 -21.49 -9.38
N GLY E 30 31.60 -21.26 -10.10
CA GLY E 30 31.65 -20.37 -11.27
C GLY E 30 30.30 -20.18 -11.91
N GLU E 31 30.23 -19.18 -12.80
CA GLU E 31 28.99 -18.83 -13.47
C GLU E 31 29.28 -18.53 -14.94
N ALA E 32 28.28 -18.68 -15.80
CA ALA E 32 28.43 -18.36 -17.22
C ALA E 32 27.10 -17.96 -17.77
N SER E 33 27.09 -17.12 -18.79
CA SER E 33 25.86 -16.62 -19.35
C SER E 33 25.57 -17.06 -20.77
N ASN E 34 26.47 -17.86 -21.35
CA ASN E 34 26.27 -18.38 -22.70
C ASN E 34 27.07 -19.67 -22.83
N GLY E 35 26.79 -20.37 -23.93
CA GLY E 35 27.41 -21.66 -24.17
C GLY E 35 28.92 -21.67 -24.20
N LYS E 36 29.50 -20.78 -25.01
CA LYS E 36 30.96 -20.71 -25.20
C LYS E 36 31.66 -20.50 -23.86
N GLU E 37 31.11 -19.58 -23.07
CA GLU E 37 31.62 -19.27 -21.75
C GLU E 37 31.50 -20.49 -20.82
N ALA E 38 30.42 -21.27 -20.94
CA ALA E 38 30.25 -22.47 -20.10
C ALA E 38 31.33 -23.51 -20.39
N VAL E 39 31.61 -23.74 -21.65
CA VAL E 39 32.69 -24.65 -22.08
C VAL E 39 34.04 -24.25 -21.48
N GLU E 40 34.41 -22.96 -21.64
CA GLU E 40 35.71 -22.44 -21.11
C GLU E 40 35.78 -22.60 -19.59
N LYS E 41 34.71 -22.21 -18.91
CA LYS E 41 34.66 -22.33 -17.46
C LYS E 41 34.70 -23.79 -17.02
N TYR E 42 34.11 -24.70 -17.81
CA TYR E 42 34.18 -26.14 -17.47
C TYR E 42 35.65 -26.63 -17.47
N LYS E 43 36.38 -26.33 -18.57
CA LYS E 43 37.80 -26.69 -18.72
C LYS E 43 38.60 -26.23 -17.52
N GLN E 44 38.42 -24.95 -17.20
CA GLN E 44 39.16 -24.29 -16.14
C GLN E 44 38.78 -24.75 -14.70
N LEU E 45 37.50 -24.99 -14.43
CA LEU E 45 37.05 -25.26 -13.07
C LEU E 45 36.87 -26.75 -12.74
N LYS E 46 36.67 -27.59 -13.75
CA LYS E 46 36.44 -29.02 -13.58
C LYS E 46 35.38 -29.30 -12.49
N PRO E 47 34.19 -28.68 -12.62
CA PRO E 47 33.18 -28.82 -11.58
C PRO E 47 32.63 -30.22 -11.51
N ASP E 48 32.11 -30.63 -10.37
CA ASP E 48 31.42 -31.90 -10.28
C ASP E 48 30.09 -31.92 -11.07
N LEU E 49 29.51 -30.73 -11.28
CA LEU E 49 28.15 -30.62 -11.76
C LEU E 49 27.95 -29.28 -12.46
N VAL E 50 27.16 -29.30 -13.53
CA VAL E 50 26.80 -28.12 -14.28
C VAL E 50 25.30 -28.01 -14.32
N THR E 51 24.74 -26.81 -14.09
CA THR E 51 23.34 -26.53 -14.39
C THR E 51 23.32 -25.60 -15.57
N MET E 52 22.45 -25.87 -16.55
CA MET E 52 22.47 -25.09 -17.76
C MET E 52 21.12 -24.80 -18.35
N ASP E 53 20.81 -23.52 -18.52
CA ASP E 53 19.62 -23.04 -19.21
C ASP E 53 20.12 -22.15 -20.36
N ILE E 54 20.31 -22.68 -21.54
CA ILE E 54 20.56 -21.71 -22.67
C ILE E 54 19.22 -21.35 -23.27
N VAL E 55 18.96 -20.08 -23.47
CA VAL E 55 17.80 -19.65 -24.30
C VAL E 55 18.32 -19.08 -25.60
N MET E 56 18.06 -19.81 -26.68
CA MET E 56 18.40 -19.28 -28.05
C MET E 56 17.33 -18.47 -28.86
N MET E 59 14.63 -17.70 -34.55
CA MET E 59 14.93 -16.99 -35.77
C MET E 59 15.99 -15.86 -35.60
N ASP E 60 17.12 -15.96 -36.30
CA ASP E 60 18.17 -14.93 -36.26
C ASP E 60 17.79 -13.70 -37.11
N GLY E 61 18.56 -12.62 -36.95
CA GLY E 61 18.31 -11.35 -37.65
C GLY E 61 18.29 -11.51 -39.17
N ILE E 62 19.20 -12.29 -39.71
CA ILE E 62 19.32 -12.45 -41.15
C ILE E 62 18.06 -13.12 -41.70
N THR E 63 17.57 -14.14 -41.00
CA THR E 63 16.35 -14.85 -41.44
C THR E 63 15.15 -13.91 -41.37
N ALA E 64 15.07 -13.13 -40.30
CA ALA E 64 14.03 -12.11 -40.19
C ALA E 64 14.05 -11.09 -41.35
N VAL E 65 15.25 -10.65 -41.73
CA VAL E 65 15.38 -9.78 -42.90
C VAL E 65 14.84 -10.50 -44.15
N LYS E 66 15.29 -11.73 -44.38
CA LYS E 66 14.84 -12.48 -45.58
C LYS E 66 13.35 -12.65 -45.63
N GLU E 67 12.74 -12.95 -44.47
CA GLU E 67 11.28 -13.16 -44.40
C GLU E 67 10.52 -11.90 -44.67
N ILE E 68 10.98 -10.80 -44.08
CA ILE E 68 10.35 -9.52 -44.35
C ILE E 68 10.46 -9.15 -45.84
N MET E 69 11.63 -9.37 -46.44
CA MET E 69 11.81 -9.04 -47.87
C MET E 69 10.91 -9.88 -48.78
N LYS E 70 10.65 -11.16 -48.45
CA LYS E 70 9.65 -11.98 -49.16
C LYS E 70 8.25 -11.41 -49.08
N ILE E 71 7.87 -10.91 -47.91
CA ILE E 71 6.55 -10.30 -47.72
C ILE E 71 6.45 -8.98 -48.46
N ASP E 72 7.53 -8.20 -48.47
CA ASP E 72 7.47 -6.87 -49.07
C ASP E 72 8.85 -6.57 -49.65
N PRO E 73 9.02 -6.79 -50.97
CA PRO E 73 10.31 -6.52 -51.63
C PRO E 73 10.79 -5.07 -51.56
N ASN E 74 9.90 -4.11 -51.25
CA ASN E 74 10.32 -2.72 -51.03
C ASN E 74 10.53 -2.32 -49.56
N ALA E 75 10.53 -3.30 -48.65
CA ALA E 75 10.75 -3.03 -47.22
C ALA E 75 12.06 -2.28 -47.01
N LYS E 76 12.05 -1.42 -46.02
CA LYS E 76 13.19 -0.63 -45.64
C LYS E 76 13.61 -1.07 -44.24
N ILE E 77 14.78 -1.69 -44.17
CA ILE E 77 15.26 -2.21 -42.91
C ILE E 77 16.64 -1.67 -42.59
N ILE E 78 16.77 -1.13 -41.38
CA ILE E 78 18.03 -0.66 -40.81
C ILE E 78 18.48 -1.60 -39.70
N MET E 79 19.70 -2.11 -39.80
CA MET E 79 20.21 -3.00 -38.81
C MET E 79 20.86 -2.21 -37.68
N ILE E 80 20.74 -2.68 -36.45
CA ILE E 80 21.37 -2.03 -35.33
C ILE E 80 22.48 -2.96 -34.89
N THR E 81 23.71 -2.51 -34.99
CA THR E 81 24.86 -3.37 -34.77
C THR E 81 25.84 -2.69 -33.81
N ALA E 82 26.60 -3.53 -33.10
CA ALA E 82 27.80 -3.10 -32.41
C ALA E 82 29.01 -3.54 -33.26
N VAL E 83 30.17 -3.02 -32.87
CA VAL E 83 31.47 -3.43 -33.39
C VAL E 83 31.72 -4.94 -33.13
N GLY E 84 32.39 -5.60 -34.03
CA GLY E 84 32.53 -7.06 -34.10
C GLY E 84 31.45 -7.87 -34.79
N GLN E 85 30.36 -7.24 -35.22
CA GLN E 85 29.29 -8.00 -35.89
C GLN E 85 29.23 -7.67 -37.38
N GLU E 86 30.31 -7.17 -37.95
CA GLU E 86 30.30 -6.62 -39.30
C GLU E 86 29.97 -7.67 -40.37
N ALA E 87 30.43 -8.91 -40.16
CA ALA E 87 30.10 -10.00 -41.09
C ALA E 87 28.60 -10.24 -41.22
N LYS E 88 27.90 -10.15 -40.09
CA LYS E 88 26.45 -10.32 -40.06
C LYS E 88 25.71 -9.15 -40.70
N VAL E 89 26.19 -7.95 -40.47
CA VAL E 89 25.59 -6.77 -41.10
C VAL E 89 25.74 -6.87 -42.62
N MET E 90 26.94 -7.21 -43.07
CA MET E 90 27.23 -7.44 -44.49
C MET E 90 26.21 -8.37 -45.10
N GLU E 91 25.95 -9.49 -44.40
CA GLU E 91 25.04 -10.49 -44.93
C GLU E 91 23.59 -9.99 -44.92
N ALA E 92 23.26 -9.20 -43.88
CA ALA E 92 21.95 -8.61 -43.79
C ALA E 92 21.71 -7.63 -44.92
N LEU E 93 22.72 -6.81 -45.22
CA LEU E 93 22.63 -5.87 -46.33
C LEU E 93 22.47 -6.62 -47.66
N LYS E 94 23.30 -7.64 -47.88
CA LYS E 94 23.14 -8.49 -49.05
C LYS E 94 21.74 -9.08 -49.16
N SER E 95 21.16 -9.53 -48.04
CA SER E 95 19.81 -10.11 -48.06
C SER E 95 18.68 -9.09 -48.19
N GLY E 96 19.01 -7.78 -48.25
CA GLY E 96 18.03 -6.71 -48.55
C GLY E 96 17.92 -5.54 -47.58
N ALA E 97 18.59 -5.60 -46.43
CA ALA E 97 18.57 -4.45 -45.52
C ALA E 97 19.22 -3.23 -46.20
N LYS E 98 18.74 -2.04 -45.92
CA LYS E 98 19.16 -0.81 -46.61
C LYS E 98 20.24 -0.02 -45.88
N GLY E 99 20.46 -0.30 -44.59
CA GLY E 99 21.46 0.41 -43.83
C GLY E 99 21.67 -0.14 -42.44
N TYR E 100 22.41 0.63 -41.65
CA TYR E 100 22.73 0.23 -40.30
C TYR E 100 23.08 1.41 -39.45
N ILE E 101 22.90 1.25 -38.15
CA ILE E 101 23.35 2.20 -37.13
C ILE E 101 24.14 1.50 -36.09
N VAL E 102 25.12 2.21 -35.57
CA VAL E 102 26.12 1.64 -34.67
C VAL E 102 25.80 2.10 -33.25
N LYS E 103 25.79 1.10 -32.33
CA LYS E 103 25.75 1.35 -30.90
C LYS E 103 27.14 1.67 -30.38
N PRO E 104 27.30 2.56 -29.39
CA PRO E 104 26.21 3.34 -28.77
C PRO E 104 25.64 4.36 -29.76
N PHE E 105 24.35 4.65 -29.66
CA PHE E 105 23.74 5.60 -30.55
C PHE E 105 24.19 7.07 -30.20
N GLN E 106 24.50 7.80 -31.26
CA GLN E 106 24.32 9.25 -31.28
C GLN E 106 22.98 9.52 -31.96
N ALA E 107 22.08 10.19 -31.29
CA ALA E 107 20.83 10.65 -31.90
C ALA E 107 20.97 11.22 -33.30
N GLN E 108 21.93 12.12 -33.48
CA GLN E 108 22.15 12.75 -34.77
C GLN E 108 22.43 11.72 -35.89
N LYS E 109 23.24 10.70 -35.59
CA LYS E 109 23.59 9.69 -36.59
C LYS E 109 22.44 8.75 -36.90
N VAL E 110 21.60 8.48 -35.89
CA VAL E 110 20.41 7.66 -36.08
C VAL E 110 19.51 8.35 -37.05
N ILE E 111 19.30 9.65 -36.83
CA ILE E 111 18.38 10.42 -37.66
C ILE E 111 18.92 10.55 -39.07
N GLU E 112 20.22 10.82 -39.19
CA GLU E 112 20.85 10.89 -40.51
C GLU E 112 20.65 9.59 -41.31
N GLU E 113 20.81 8.46 -40.65
CA GLU E 113 20.62 7.18 -41.32
C GLU E 113 19.17 6.91 -41.63
N VAL E 114 18.27 7.23 -40.71
CA VAL E 114 16.84 7.10 -41.01
C VAL E 114 16.48 7.93 -42.25
N ASN E 115 16.97 9.16 -42.35
CA ASN E 115 16.64 10.01 -43.49
C ASN E 115 17.23 9.48 -44.79
N ARG E 116 18.48 9.01 -44.77
CA ARG E 116 19.09 8.41 -45.97
C ARG E 116 18.24 7.23 -46.48
N VAL E 117 17.83 6.36 -45.58
CA VAL E 117 17.09 5.16 -45.97
C VAL E 117 15.68 5.47 -46.53
N LEU E 118 15.00 6.46 -45.97
CA LEU E 118 13.65 6.88 -46.48
C LEU E 118 13.61 7.71 -47.83
N ALA F 2 -28.64 -19.36 9.86
CA ALA F 2 -27.80 -20.26 9.07
C ALA F 2 -26.46 -19.71 8.60
N ARG F 3 -26.33 -18.40 8.51
CA ARG F 3 -25.02 -17.70 8.36
C ARG F 3 -24.46 -17.36 9.74
N VAL F 4 -23.29 -17.94 10.08
CA VAL F 4 -22.77 -17.90 11.46
C VAL F 4 -21.39 -17.24 11.52
N LEU F 5 -21.21 -16.34 12.49
CA LEU F 5 -19.93 -15.74 12.81
C LEU F 5 -19.41 -16.46 14.04
N VAL F 6 -18.22 -17.04 13.97
CA VAL F 6 -17.65 -17.85 15.06
C VAL F 6 -16.53 -17.10 15.76
N VAL F 7 -16.68 -16.89 17.06
CA VAL F 7 -15.79 -16.05 17.82
C VAL F 7 -15.18 -16.82 18.96
N ASP F 8 -13.86 -16.98 18.94
CA ASP F 8 -13.12 -17.65 20.01
C ASP F 8 -11.62 -17.31 19.85
N ASP F 9 -10.88 -17.10 20.94
CA ASP F 9 -9.43 -16.79 20.83
C ASP F 9 -8.60 -18.04 20.44
N ALA F 10 -9.13 -19.22 20.68
CA ALA F 10 -8.42 -20.47 20.34
C ALA F 10 -8.83 -20.97 18.93
N ALA F 11 -7.89 -20.92 18.01
CA ALA F 11 -8.06 -21.37 16.64
C ALA F 11 -8.64 -22.78 16.56
N PHE F 12 -8.16 -23.69 17.41
CA PHE F 12 -8.60 -25.06 17.28
C PHE F 12 -10.07 -25.17 17.73
N MET F 13 -10.49 -24.33 18.66
CA MET F 13 -11.91 -24.32 19.08
C MET F 13 -12.85 -23.77 18.00
N ARG F 14 -12.37 -22.78 17.26
CA ARG F 14 -13.12 -22.23 16.13
C ARG F 14 -13.24 -23.31 15.06
N MET F 15 -12.17 -24.08 14.85
CA MET F 15 -12.19 -25.14 13.83
C MET F 15 -13.17 -26.22 14.24
N LEU F 16 -13.15 -26.66 15.52
CA LEU F 16 -14.11 -27.69 15.94
C LEU F 16 -15.57 -27.23 15.79
N LEU F 17 -15.84 -26.00 16.21
CA LEU F 17 -17.19 -25.47 16.12
C LEU F 17 -17.60 -25.30 14.66
N LYS F 18 -16.70 -24.79 13.84
CA LYS F 18 -16.95 -24.64 12.41
C LYS F 18 -17.34 -25.99 11.75
N LYS F 19 -16.61 -27.04 12.08
CA LYS F 19 -16.92 -28.36 11.53
C LYS F 19 -18.32 -28.84 11.93
N ILE F 20 -18.66 -28.71 13.21
CA ILE F 20 -20.01 -29.08 13.66
C ILE F 20 -21.11 -28.27 12.97
N LEU F 21 -20.89 -26.96 12.82
CA LEU F 21 -21.91 -26.10 12.24
C LEU F 21 -22.11 -26.41 10.75
N THR F 22 -20.99 -26.63 10.04
CA THR F 22 -21.01 -26.96 8.63
C THR F 22 -21.67 -28.32 8.38
N GLN F 23 -21.29 -29.34 9.14
CA GLN F 23 -21.98 -30.62 9.03
C GLN F 23 -23.47 -30.54 9.27
N ALA F 24 -23.92 -29.62 10.13
CA ALA F 24 -25.36 -29.47 10.37
C ALA F 24 -26.07 -28.60 9.34
N GLY F 25 -25.34 -28.09 8.34
CA GLY F 25 -25.94 -27.36 7.22
C GLY F 25 -25.79 -25.84 7.22
N HIS F 26 -25.08 -25.30 8.21
CA HIS F 26 -24.91 -23.88 8.36
C HIS F 26 -23.66 -23.46 7.59
N GLU F 27 -23.56 -22.16 7.31
CA GLU F 27 -22.42 -21.59 6.63
C GLU F 27 -21.69 -20.67 7.61
N VAL F 28 -20.42 -20.99 7.87
CA VAL F 28 -19.61 -20.10 8.70
C VAL F 28 -19.11 -18.98 7.79
N VAL F 29 -19.65 -17.78 7.95
CA VAL F 29 -19.33 -16.67 7.06
C VAL F 29 -18.14 -15.84 7.54
N GLY F 30 -17.67 -16.09 8.77
CA GLY F 30 -16.49 -15.39 9.26
C GLY F 30 -16.07 -15.89 10.63
N GLU F 31 -14.89 -15.49 11.03
CA GLU F 31 -14.30 -15.87 12.30
C GLU F 31 -13.66 -14.63 12.94
N ALA F 32 -13.58 -14.64 14.27
CA ALA F 32 -12.90 -13.57 15.00
C ALA F 32 -12.27 -14.15 16.22
N SER F 33 -11.15 -13.56 16.63
CA SER F 33 -10.39 -14.09 17.75
C SER F 33 -10.40 -13.13 18.97
N ASN F 34 -11.08 -12.00 18.88
CA ASN F 34 -11.18 -11.09 19.98
C ASN F 34 -12.46 -10.25 19.84
N GLY F 35 -12.78 -9.54 20.90
CA GLY F 35 -14.01 -8.82 20.97
C GLY F 35 -14.19 -7.76 19.89
N LYS F 36 -13.18 -6.89 19.75
CA LYS F 36 -13.22 -5.77 18.81
C LYS F 36 -13.46 -6.28 17.39
N GLU F 37 -12.74 -7.34 17.04
CA GLU F 37 -12.87 -8.00 15.74
C GLU F 37 -14.26 -8.60 15.56
N ALA F 38 -14.85 -9.14 16.62
CA ALA F 38 -16.22 -9.70 16.53
C ALA F 38 -17.26 -8.63 16.19
N VAL F 39 -17.16 -7.49 16.86
CA VAL F 39 -18.02 -6.32 16.58
C VAL F 39 -17.92 -5.89 15.13
N GLU F 40 -16.70 -5.68 14.64
CA GLU F 40 -16.46 -5.23 13.24
C GLU F 40 -17.00 -6.24 12.24
N LYS F 41 -16.70 -7.53 12.47
CA LYS F 41 -17.19 -8.57 11.58
C LYS F 41 -18.72 -8.66 11.64
N TYR F 42 -19.34 -8.40 12.80
CA TYR F 42 -20.81 -8.40 12.87
C TYR F 42 -21.42 -7.32 11.94
N LYS F 43 -20.91 -6.08 12.06
CA LYS F 43 -21.35 -4.94 11.24
C LYS F 43 -21.29 -5.30 9.76
N GLN F 44 -20.12 -5.81 9.37
CA GLN F 44 -19.80 -6.11 7.98
C GLN F 44 -20.56 -7.33 7.43
N LEU F 45 -20.76 -8.39 8.22
CA LEU F 45 -21.31 -9.64 7.70
C LEU F 45 -22.79 -9.81 7.97
N LYS F 46 -23.34 -9.14 8.97
CA LYS F 46 -24.76 -9.25 9.35
C LYS F 46 -25.19 -10.73 9.44
N PRO F 47 -24.45 -11.53 10.24
CA PRO F 47 -24.74 -12.96 10.30
C PRO F 47 -26.08 -13.21 11.00
N ASP F 48 -26.70 -14.33 10.70
CA ASP F 48 -27.91 -14.71 11.43
C ASP F 48 -27.63 -15.07 12.90
N LEU F 49 -26.39 -15.44 13.19
CA LEU F 49 -26.04 -16.02 14.47
C LEU F 49 -24.57 -15.82 14.76
N VAL F 50 -24.26 -15.58 16.03
CA VAL F 50 -22.90 -15.44 16.51
C VAL F 50 -22.67 -16.48 17.60
N THR F 51 -21.54 -17.18 17.57
CA THR F 51 -21.08 -17.97 18.72
C THR F 51 -19.89 -17.26 19.30
N MET F 52 -19.86 -17.08 20.61
CA MET F 52 -18.82 -16.24 21.21
C MET F 52 -18.34 -16.80 22.53
N ASP F 53 -17.04 -17.11 22.60
CA ASP F 53 -16.42 -17.51 23.84
C ASP F 53 -16.56 -16.39 24.87
N ILE F 54 -16.85 -16.75 26.11
CA ILE F 54 -17.08 -15.77 27.15
C ILE F 54 -15.77 -15.11 27.63
N VAL F 55 -14.65 -15.79 27.48
CA VAL F 55 -13.36 -15.22 27.72
C VAL F 55 -12.67 -14.83 26.39
N MET F 56 -12.52 -13.52 26.25
CA MET F 56 -11.95 -12.80 25.13
C MET F 56 -10.69 -12.22 25.70
N PRO F 57 -9.68 -11.93 24.88
CA PRO F 57 -8.38 -11.45 25.43
C PRO F 57 -8.53 -10.07 26.02
N GLU F 58 -8.01 -9.88 27.22
CA GLU F 58 -8.24 -8.60 27.94
C GLU F 58 -6.95 -7.87 28.24
N MET F 59 -5.79 -8.48 28.08
CA MET F 59 -4.53 -7.88 28.47
C MET F 59 -4.08 -6.70 27.56
N ASP F 60 -3.96 -5.47 28.12
CA ASP F 60 -3.47 -4.33 27.32
C ASP F 60 -1.93 -4.39 27.09
N GLY F 61 -1.43 -3.56 26.17
CA GLY F 61 -0.02 -3.56 25.82
C GLY F 61 0.89 -3.30 27.00
N ILE F 62 0.49 -2.38 27.88
CA ILE F 62 1.30 -1.99 29.02
C ILE F 62 1.48 -3.17 29.95
N THR F 63 0.40 -3.91 30.21
CA THR F 63 0.44 -5.09 31.10
C THR F 63 1.33 -6.16 30.49
N ALA F 64 1.18 -6.37 29.19
CA ALA F 64 2.06 -7.32 28.48
C ALA F 64 3.54 -6.94 28.60
N VAL F 65 3.85 -5.65 28.48
CA VAL F 65 5.23 -5.19 28.72
C VAL F 65 5.65 -5.51 30.14
N LYS F 66 4.83 -5.18 31.12
CA LYS F 66 5.18 -5.45 32.55
C LYS F 66 5.45 -6.92 32.78
N GLU F 67 4.63 -7.78 32.19
CA GLU F 67 4.76 -9.23 32.39
C GLU F 67 5.99 -9.78 31.76
N ILE F 68 6.28 -9.33 30.55
CA ILE F 68 7.53 -9.71 29.90
C ILE F 68 8.73 -9.23 30.72
N MET F 69 8.70 -8.01 31.24
CA MET F 69 9.81 -7.48 32.06
C MET F 69 10.02 -8.29 33.35
N LYS F 70 8.96 -8.78 33.98
CA LYS F 70 9.06 -9.72 35.12
C LYS F 70 9.77 -11.02 34.74
N ILE F 71 9.46 -11.55 33.57
CA ILE F 71 10.12 -12.77 33.09
C ILE F 71 11.59 -12.51 32.73
N ASP F 72 11.87 -11.35 32.16
CA ASP F 72 13.22 -11.06 31.66
C ASP F 72 13.45 -9.57 31.80
N PRO F 73 14.10 -9.14 32.90
CA PRO F 73 14.38 -7.71 33.12
C PRO F 73 15.22 -7.03 32.03
N ASN F 74 15.93 -7.81 31.20
CA ASN F 74 16.68 -7.24 30.06
C ASN F 74 15.96 -7.30 28.72
N ALA F 75 14.68 -7.64 28.73
CA ALA F 75 13.89 -7.71 27.47
C ALA F 75 13.98 -6.43 26.67
N LYS F 76 13.97 -6.56 25.39
CA LYS F 76 14.04 -5.45 24.45
C LYS F 76 12.74 -5.46 23.67
N ILE F 77 11.93 -4.44 23.91
CA ILE F 77 10.62 -4.34 23.34
C ILE F 77 10.45 -2.99 22.66
N ILE F 78 10.00 -3.05 21.40
CA ILE F 78 9.66 -1.88 20.60
C ILE F 78 8.15 -1.83 20.41
N MET F 79 7.55 -0.70 20.75
CA MET F 79 6.12 -0.55 20.63
C MET F 79 5.83 -0.03 19.22
N ILE F 80 4.65 -0.35 18.71
CA ILE F 80 4.14 0.31 17.52
C ILE F 80 3.10 1.32 18.02
N THR F 81 3.31 2.59 17.70
CA THR F 81 2.23 3.55 17.92
C THR F 81 1.30 3.94 16.75
N ALA F 82 0.06 4.09 17.14
CA ALA F 82 -0.92 4.83 16.32
C ALA F 82 -1.07 6.21 16.92
N VAL F 83 -1.50 7.15 16.10
CA VAL F 83 -1.79 8.52 16.60
C VAL F 83 -2.97 8.47 17.60
N GLY F 84 -2.93 9.30 18.63
CA GLY F 84 -3.84 9.23 19.76
C GLY F 84 -3.59 8.27 20.92
N GLN F 85 -2.61 7.39 20.81
CA GLN F 85 -2.34 6.40 21.86
C GLN F 85 -1.03 6.71 22.55
N GLU F 86 -0.55 7.96 22.46
CA GLU F 86 0.79 8.31 22.92
C GLU F 86 0.94 8.14 24.43
N ALA F 87 -0.13 8.40 25.18
CA ALA F 87 -0.12 8.21 26.62
C ALA F 87 0.20 6.78 27.03
N LYS F 88 -0.35 5.83 26.29
CA LYS F 88 -0.11 4.40 26.53
C LYS F 88 1.29 3.98 26.13
N VAL F 89 1.80 4.52 25.04
CA VAL F 89 3.19 4.23 24.63
C VAL F 89 4.16 4.74 25.68
N MET F 90 3.94 5.97 26.13
CA MET F 90 4.71 6.60 27.22
C MET F 90 4.78 5.68 28.41
N GLU F 91 3.65 5.15 28.79
CA GLU F 91 3.57 4.27 29.98
C GLU F 91 4.25 2.93 29.71
N ALA F 92 4.15 2.45 28.51
CA ALA F 92 4.85 1.22 28.09
C ALA F 92 6.36 1.41 28.16
N LEU F 93 6.83 2.57 27.70
CA LEU F 93 8.25 2.91 27.82
C LEU F 93 8.67 2.99 29.28
N LYS F 94 7.90 3.70 30.09
CA LYS F 94 8.15 3.74 31.54
C LYS F 94 8.21 2.34 32.16
N SER F 95 7.31 1.45 31.74
CA SER F 95 7.26 0.08 32.30
C SER F 95 8.38 -0.83 31.74
N GLY F 96 9.22 -0.32 30.82
CA GLY F 96 10.44 -1.02 30.39
C GLY F 96 10.65 -1.20 28.90
N ALA F 97 9.68 -0.86 28.05
CA ALA F 97 9.91 -0.91 26.60
C ALA F 97 11.02 0.06 26.21
N LYS F 98 11.83 -0.28 25.21
CA LYS F 98 13.03 0.48 24.84
C LYS F 98 12.84 1.48 23.71
N GLY F 99 11.76 1.35 22.95
CA GLY F 99 11.54 2.29 21.83
C GLY F 99 10.19 2.09 21.15
N TYR F 100 10.06 2.73 19.99
CA TYR F 100 8.82 2.67 19.26
C TYR F 100 9.03 2.97 17.81
N ILE F 101 8.11 2.48 16.97
CA ILE F 101 8.09 2.71 15.55
C ILE F 101 6.70 3.19 15.14
N VAL F 102 6.66 3.93 14.05
CA VAL F 102 5.48 4.68 13.66
C VAL F 102 4.88 4.00 12.45
N LYS F 103 3.57 3.75 12.49
CA LYS F 103 2.78 3.36 11.32
C LYS F 103 2.34 4.64 10.58
N PRO F 104 2.26 4.64 9.26
CA PRO F 104 2.67 3.52 8.39
C PRO F 104 4.18 3.35 8.39
N PHE F 105 4.65 2.12 8.22
CA PHE F 105 6.09 1.86 8.34
C PHE F 105 6.89 2.35 7.16
N GLN F 106 7.94 3.09 7.45
CA GLN F 106 8.94 3.46 6.47
C GLN F 106 10.13 2.58 6.83
N ALA F 107 10.51 1.71 5.90
CA ALA F 107 11.39 0.59 6.25
C ALA F 107 12.68 1.07 6.88
N GLN F 108 13.29 2.10 6.28
CA GLN F 108 14.55 2.61 6.76
C GLN F 108 14.48 3.05 8.24
N LYS F 109 13.38 3.72 8.62
CA LYS F 109 13.26 4.21 10.02
C LYS F 109 12.99 3.07 11.00
N VAL F 110 12.28 2.05 10.54
CA VAL F 110 12.00 0.87 11.37
C VAL F 110 13.30 0.20 11.70
N ILE F 111 14.13 0.02 10.67
CA ILE F 111 15.42 -0.66 10.83
C ILE F 111 16.36 0.16 11.67
N GLU F 112 16.39 1.46 11.48
CA GLU F 112 17.22 2.34 12.33
C GLU F 112 16.83 2.20 13.82
N GLU F 113 15.53 2.13 14.10
CA GLU F 113 15.08 1.95 15.47
C GLU F 113 15.39 0.55 15.99
N VAL F 114 15.20 -0.47 15.17
CA VAL F 114 15.60 -1.82 15.55
C VAL F 114 17.09 -1.87 15.93
N ASN F 115 17.95 -1.24 15.12
CA ASN F 115 19.38 -1.25 15.37
C ASN F 115 19.74 -0.49 16.64
N ARG F 116 19.14 0.68 16.85
CA ARG F 116 19.37 1.44 18.09
C ARG F 116 19.04 0.58 19.33
N VAL F 117 17.91 -0.11 19.31
CA VAL F 117 17.48 -0.88 20.47
C VAL F 117 18.38 -2.10 20.74
N LEU F 118 18.87 -2.77 19.70
CA LEU F 118 19.78 -3.93 19.86
C LEU F 118 21.28 -3.64 20.27
#